data_3WE7
#
_entry.id   3WE7
#
_cell.length_a   77.372
_cell.length_b   77.372
_cell.length_c   230.223
_cell.angle_alpha   90.00
_cell.angle_beta   90.00
_cell.angle_gamma   120.00
#
_symmetry.space_group_name_H-M   'P 32 2 1'
#
loop_
_entity.id
_entity.type
_entity.pdbx_description
1 polymer 'Putative uncharacterized protein PH0499'
2 non-polymer 'ZINC ION'
3 non-polymer GLYCEROL
4 non-polymer 'ACETIC ACID'
5 non-polymer 'SODIUM ION'
6 non-polymer HEXANE-1,6-DIOL
7 water water
#
_entity_poly.entity_id   1
_entity_poly.type   'polypeptide(L)'
_entity_poly.pdbx_seq_one_letter_code
;MVVNMFEDIDTFEEAFNKLLREVLEFDLQNPFKDAKKVLCIEPHPDDCVIGMGGTIKKLSDMGVEVIYVCMTDGYMGTTD
ESLSGHELAAIRRKEEEESARLLGVKKIYWLNYRDTELPYSREVRKDLTKILRKEQPDGVFAPDPWLPYESHPDHRRTGF
LAIESVAFSQLPNFSNTDLDIGLNPYNSGSFIALYYTHKPNYIVDITDLMELKLKAIRVHRSQFPDDIWEKWEPFLRTIA
MFYGEKIGVRYGEGFRIMPGLFYHITPFTDLI
;
_entity_poly.pdbx_strand_id   A,B,C
#
loop_
_chem_comp.id
_chem_comp.type
_chem_comp.name
_chem_comp.formula
ACY non-polymer 'ACETIC ACID' 'C2 H4 O2'
GOL non-polymer GLYCEROL 'C3 H8 O3'
HEZ non-polymer HEXANE-1,6-DIOL 'C6 H14 O2'
NA non-polymer 'SODIUM ION' 'Na 1'
ZN non-polymer 'ZINC ION' 'Zn 2'
#
# COMPACT_ATOMS: atom_id res chain seq x y z
N PHE A 6 -5.75 -7.58 -33.09
CA PHE A 6 -6.86 -6.93 -32.31
C PHE A 6 -7.35 -5.61 -32.95
N GLU A 7 -6.72 -5.21 -34.05
CA GLU A 7 -7.06 -3.96 -34.74
C GLU A 7 -8.56 -3.78 -35.06
N ASP A 8 -9.26 -4.89 -35.33
CA ASP A 8 -10.63 -4.93 -35.85
C ASP A 8 -11.77 -4.97 -34.84
N ILE A 9 -11.45 -5.37 -33.62
CA ILE A 9 -12.45 -5.63 -32.55
C ILE A 9 -13.26 -4.39 -32.21
N ASP A 10 -14.55 -4.58 -31.98
CA ASP A 10 -15.49 -3.46 -31.86
C ASP A 10 -15.46 -2.68 -30.54
N THR A 11 -15.55 -3.38 -29.40
CA THR A 11 -15.82 -2.72 -28.10
C THR A 11 -14.75 -3.19 -27.10
N PHE A 12 -14.54 -2.44 -26.03
CA PHE A 12 -13.61 -2.88 -25.01
C PHE A 12 -14.00 -4.30 -24.46
N GLU A 13 -15.28 -4.49 -24.24
CA GLU A 13 -15.87 -5.70 -23.66
C GLU A 13 -15.47 -6.93 -24.46
N GLU A 14 -15.60 -6.86 -25.79
CA GLU A 14 -15.11 -7.94 -26.62
C GLU A 14 -13.58 -8.08 -26.60
N ALA A 15 -12.86 -6.96 -26.65
CA ALA A 15 -11.39 -7.05 -26.57
C ALA A 15 -11.00 -7.70 -25.23
N PHE A 16 -11.64 -7.30 -24.12
CA PHE A 16 -11.30 -7.88 -22.82
C PHE A 16 -11.53 -9.41 -22.81
N ASN A 17 -12.70 -9.83 -23.28
N ASN A 17 -12.71 -9.82 -23.27
CA ASN A 17 -13.03 -11.26 -23.34
CA ASN A 17 -13.04 -11.24 -23.37
C ASN A 17 -12.07 -12.07 -24.21
C ASN A 17 -12.05 -12.06 -24.20
N LYS A 18 -11.66 -11.55 -25.37
CA LYS A 18 -10.71 -12.24 -26.23
C LYS A 18 -9.31 -12.28 -25.58
N LEU A 19 -8.93 -11.13 -24.96
CA LEU A 19 -7.62 -11.01 -24.30
C LEU A 19 -7.53 -12.18 -23.27
N LEU A 20 -8.54 -12.27 -22.43
CA LEU A 20 -8.53 -13.29 -21.37
C LEU A 20 -8.64 -14.71 -21.89
N ARG A 21 -9.64 -14.97 -22.73
CA ARG A 21 -9.82 -16.36 -23.12
C ARG A 21 -8.89 -16.90 -24.20
N GLU A 22 -8.60 -16.11 -25.21
CA GLU A 22 -7.74 -16.55 -26.31
C GLU A 22 -6.27 -16.12 -26.22
N VAL A 23 -5.99 -14.84 -25.96
CA VAL A 23 -4.58 -14.42 -25.92
C VAL A 23 -3.88 -14.99 -24.68
N LEU A 24 -4.56 -14.88 -23.53
CA LEU A 24 -3.97 -15.26 -22.23
C LEU A 24 -4.44 -16.65 -21.73
N GLU A 25 -5.39 -17.27 -22.43
CA GLU A 25 -5.88 -18.61 -22.06
C GLU A 25 -6.11 -18.76 -20.54
N PHE A 26 -6.79 -17.79 -19.94
CA PHE A 26 -7.06 -17.79 -18.51
C PHE A 26 -8.31 -18.63 -18.24
N ASP A 27 -8.19 -19.51 -17.27
CA ASP A 27 -9.29 -20.38 -16.88
C ASP A 27 -9.31 -20.67 -15.38
N LEU A 28 -10.40 -20.31 -14.74
CA LEU A 28 -10.57 -20.55 -13.32
C LEU A 28 -11.40 -21.81 -12.96
N GLN A 29 -11.64 -22.67 -13.92
CA GLN A 29 -12.43 -23.86 -13.67
C GLN A 29 -11.62 -24.88 -12.89
N ASN A 30 -10.37 -25.06 -13.31
CA ASN A 30 -9.53 -26.01 -12.60
C ASN A 30 -8.05 -25.63 -12.62
N PRO A 31 -7.69 -24.48 -11.98
CA PRO A 31 -6.38 -23.82 -12.11
C PRO A 31 -5.24 -24.71 -11.58
N PHE A 32 -5.51 -25.60 -10.64
CA PHE A 32 -4.45 -26.47 -10.08
C PHE A 32 -4.47 -27.85 -10.70
N LYS A 33 -5.18 -27.95 -11.84
CA LYS A 33 -5.27 -29.13 -12.71
C LYS A 33 -3.92 -29.85 -12.93
N ASP A 34 -2.93 -29.13 -13.45
CA ASP A 34 -1.73 -29.82 -13.92
C ASP A 34 -0.51 -29.88 -13.01
N ALA A 35 -0.64 -29.34 -11.80
CA ALA A 35 0.52 -29.17 -10.93
C ALA A 35 1.08 -30.48 -10.45
N LYS A 36 2.41 -30.59 -10.46
CA LYS A 36 3.11 -31.72 -9.82
C LYS A 36 3.94 -31.32 -8.58
N LYS A 37 4.42 -30.05 -8.56
CA LYS A 37 5.23 -29.54 -7.47
C LYS A 37 4.78 -28.07 -7.27
N VAL A 38 4.38 -27.74 -6.04
CA VAL A 38 4.00 -26.33 -5.70
C VAL A 38 4.80 -25.92 -4.48
N LEU A 39 5.11 -24.60 -4.35
CA LEU A 39 5.62 -24.01 -3.05
C LEU A 39 4.53 -23.31 -2.34
N CYS A 40 4.43 -23.52 -1.06
N CYS A 40 4.35 -23.55 -1.02
CA CYS A 40 3.51 -22.74 -0.30
CA CYS A 40 3.46 -22.70 -0.14
C CYS A 40 4.47 -21.88 0.51
C CYS A 40 4.31 -21.83 0.73
N ILE A 41 4.33 -20.54 0.33
CA ILE A 41 5.24 -19.54 0.99
C ILE A 41 4.43 -19.00 2.13
N GLU A 42 4.93 -19.15 3.37
CA GLU A 42 4.29 -18.59 4.58
C GLU A 42 5.15 -17.60 5.30
N PRO A 43 4.52 -16.56 5.84
CA PRO A 43 5.35 -15.59 6.67
C PRO A 43 5.90 -16.25 7.94
N HIS A 44 5.05 -17.07 8.62
CA HIS A 44 5.35 -17.61 9.93
C HIS A 44 5.01 -19.08 9.97
N PRO A 45 5.60 -19.83 10.91
CA PRO A 45 5.13 -21.27 11.17
C PRO A 45 3.66 -21.21 11.50
N ASP A 46 2.86 -21.88 10.68
CA ASP A 46 1.39 -22.02 10.89
C ASP A 46 0.58 -21.31 9.82
N ASP A 47 1.19 -20.43 8.99
CA ASP A 47 0.29 -19.70 8.06
C ASP A 47 -0.20 -20.54 6.86
N CYS A 48 0.62 -21.47 6.45
CA CYS A 48 0.22 -22.36 5.32
C CYS A 48 -1.01 -23.17 5.79
N VAL A 49 -0.94 -23.72 7.03
CA VAL A 49 -2.11 -24.54 7.45
C VAL A 49 -3.33 -23.68 7.75
N ILE A 50 -3.15 -22.52 8.44
CA ILE A 50 -4.27 -21.66 8.61
C ILE A 50 -4.94 -21.16 7.35
N GLY A 51 -4.13 -20.70 6.37
CA GLY A 51 -4.71 -20.07 5.16
C GLY A 51 -5.20 -21.14 4.19
N MET A 52 -4.44 -22.20 4.06
CA MET A 52 -4.71 -23.17 2.98
C MET A 52 -4.48 -24.67 3.35
N GLY A 53 -4.63 -25.00 4.63
CA GLY A 53 -4.31 -26.36 5.07
C GLY A 53 -5.23 -27.39 4.41
N GLY A 54 -6.49 -27.05 4.25
CA GLY A 54 -7.39 -28.04 3.51
C GLY A 54 -6.95 -28.27 2.09
N THR A 55 -6.57 -27.22 1.33
CA THR A 55 -6.10 -27.39 -0.01
C THR A 55 -4.79 -28.12 -0.08
N ILE A 56 -3.84 -27.79 0.80
CA ILE A 56 -2.59 -28.56 0.88
C ILE A 56 -2.88 -30.11 1.01
N LYS A 57 -3.75 -30.45 1.94
CA LYS A 57 -4.15 -31.91 2.08
C LYS A 57 -4.68 -32.44 0.77
N LYS A 58 -5.57 -31.69 0.14
CA LYS A 58 -6.16 -32.12 -1.16
C LYS A 58 -5.13 -32.30 -2.20
N LEU A 59 -4.17 -31.37 -2.25
CA LEU A 59 -3.12 -31.47 -3.23
C LEU A 59 -2.24 -32.71 -2.95
N SER A 60 -1.92 -32.95 -1.68
CA SER A 60 -0.93 -33.99 -1.37
C SER A 60 -1.65 -35.31 -1.70
N ASP A 61 -2.95 -35.31 -1.45
CA ASP A 61 -3.77 -36.56 -1.71
C ASP A 61 -3.88 -36.87 -3.17
N MET A 62 -3.87 -35.84 -4.03
CA MET A 62 -3.93 -35.95 -5.48
C MET A 62 -2.55 -36.25 -6.13
N GLY A 63 -1.49 -36.40 -5.34
CA GLY A 63 -0.16 -36.73 -5.90
C GLY A 63 0.79 -35.53 -6.07
N VAL A 64 0.32 -34.36 -5.61
CA VAL A 64 1.12 -33.11 -5.76
C VAL A 64 2.14 -33.02 -4.63
N GLU A 65 3.38 -32.75 -4.97
CA GLU A 65 4.42 -32.54 -3.97
C GLU A 65 4.30 -31.05 -3.51
N VAL A 66 3.94 -30.87 -2.27
CA VAL A 66 3.86 -29.51 -1.66
C VAL A 66 5.08 -29.33 -0.77
N ILE A 67 5.76 -28.16 -0.96
CA ILE A 67 7.00 -27.86 -0.30
C ILE A 67 6.77 -26.47 0.36
N TYR A 68 7.02 -26.36 1.67
CA TYR A 68 6.81 -25.06 2.35
C TYR A 68 8.10 -24.20 2.21
N VAL A 69 7.87 -22.90 2.03
CA VAL A 69 9.03 -21.95 2.31
C VAL A 69 8.52 -21.09 3.45
N CYS A 70 9.19 -21.05 4.62
CA CYS A 70 8.74 -20.30 5.77
C CYS A 70 9.72 -19.12 5.95
N MET A 71 9.18 -17.91 5.82
CA MET A 71 10.12 -16.75 5.76
C MET A 71 10.75 -16.47 7.10
N THR A 72 10.03 -16.68 8.21
CA THR A 72 10.56 -16.24 9.48
C THR A 72 10.52 -17.37 10.51
N ASP A 73 11.00 -17.11 11.68
CA ASP A 73 11.13 -18.21 12.68
C ASP A 73 10.07 -18.18 13.79
N GLY A 74 9.12 -17.30 13.71
CA GLY A 74 8.08 -17.18 14.74
C GLY A 74 8.65 -16.87 16.12
N TYR A 75 9.83 -16.20 16.23
CA TYR A 75 10.47 -15.86 17.50
C TYR A 75 9.62 -15.04 18.43
N MET A 76 8.73 -14.14 17.94
CA MET A 76 7.96 -13.22 18.84
C MET A 76 6.65 -13.68 19.32
N GLY A 77 6.23 -14.84 18.78
CA GLY A 77 4.79 -15.31 18.91
C GLY A 77 4.45 -15.92 20.27
N THR A 78 4.74 -15.23 21.37
CA THR A 78 4.25 -15.67 22.74
C THR A 78 4.08 -14.50 23.68
N THR A 79 3.15 -14.63 24.60
CA THR A 79 3.09 -13.75 25.76
C THR A 79 3.67 -14.40 27.03
N ASP A 80 4.24 -15.60 26.88
CA ASP A 80 4.78 -16.36 28.01
C ASP A 80 6.17 -15.80 28.36
N GLU A 81 6.28 -15.03 29.44
CA GLU A 81 7.57 -14.44 29.76
C GLU A 81 8.65 -15.48 30.16
N SER A 82 8.29 -16.75 30.36
CA SER A 82 9.28 -17.80 30.63
C SER A 82 9.90 -18.40 29.36
N LEU A 83 9.45 -18.01 28.15
CA LEU A 83 9.86 -18.64 26.91
C LEU A 83 10.60 -17.58 26.12
N SER A 84 11.90 -17.77 25.97
CA SER A 84 12.67 -16.80 25.14
C SER A 84 12.31 -16.98 23.65
N GLY A 85 12.70 -15.99 22.84
CA GLY A 85 12.46 -16.08 21.41
C GLY A 85 13.16 -17.28 20.80
N HIS A 86 14.41 -17.56 21.28
CA HIS A 86 15.16 -18.68 20.70
C HIS A 86 14.48 -20.03 21.03
N GLU A 87 14.03 -20.17 22.27
CA GLU A 87 13.33 -21.40 22.67
C GLU A 87 12.00 -21.55 21.95
N LEU A 88 11.26 -20.44 21.80
CA LEU A 88 10.00 -20.51 21.01
C LEU A 88 10.27 -20.91 19.54
N ALA A 89 11.29 -20.31 18.89
CA ALA A 89 11.59 -20.76 17.55
C ALA A 89 11.88 -22.20 17.43
N ALA A 90 12.65 -22.74 18.36
CA ALA A 90 12.93 -24.17 18.22
C ALA A 90 11.63 -24.96 18.43
N ILE A 91 10.80 -24.55 19.38
CA ILE A 91 9.50 -25.25 19.61
C ILE A 91 8.65 -25.20 18.34
N ARG A 92 8.65 -24.05 17.64
CA ARG A 92 7.76 -23.90 16.51
C ARG A 92 8.21 -24.65 15.28
N ARG A 93 9.52 -24.91 15.13
CA ARG A 93 10.02 -25.75 14.06
C ARG A 93 9.42 -27.17 14.21
N LYS A 94 9.39 -27.64 15.42
CA LYS A 94 8.83 -29.01 15.68
C LYS A 94 7.32 -29.02 15.49
N GLU A 95 6.63 -27.96 15.87
CA GLU A 95 5.17 -27.85 15.65
C GLU A 95 4.87 -27.86 14.19
N GLU A 96 5.60 -27.04 13.41
CA GLU A 96 5.38 -27.05 11.98
C GLU A 96 5.68 -28.39 11.32
N GLU A 97 6.74 -29.08 11.78
CA GLU A 97 7.05 -30.40 11.18
C GLU A 97 5.87 -31.36 11.42
N GLU A 98 5.25 -31.32 12.60
N GLU A 98 5.25 -31.37 12.60
CA GLU A 98 4.18 -32.28 12.93
CA GLU A 98 4.16 -32.32 12.84
C GLU A 98 2.97 -31.89 12.07
C GLU A 98 2.84 -31.88 12.20
N SER A 99 2.66 -30.57 12.06
CA SER A 99 1.49 -30.04 11.36
C SER A 99 1.59 -30.41 9.87
N ALA A 100 2.75 -30.16 9.26
CA ALA A 100 3.00 -30.48 7.88
C ALA A 100 2.80 -31.98 7.64
N ARG A 101 3.26 -32.80 8.56
CA ARG A 101 3.14 -34.30 8.33
C ARG A 101 1.68 -34.66 8.18
N LEU A 102 0.81 -34.02 8.94
CA LEU A 102 -0.64 -34.28 8.84
C LEU A 102 -1.24 -34.01 7.49
N LEU A 103 -0.67 -33.03 6.76
CA LEU A 103 -1.15 -32.62 5.43
C LEU A 103 -0.20 -33.37 4.59
N GLY A 104 -0.14 -33.31 3.31
CA GLY A 104 0.99 -34.40 3.11
C GLY A 104 2.45 -33.91 2.92
N VAL A 105 2.93 -33.00 3.77
CA VAL A 105 4.10 -32.17 3.38
C VAL A 105 5.33 -32.73 4.06
N LYS A 106 6.37 -32.89 3.29
CA LYS A 106 7.62 -33.52 3.75
C LYS A 106 8.83 -32.55 3.76
N LYS A 107 8.72 -31.41 3.08
CA LYS A 107 9.91 -30.56 2.95
C LYS A 107 9.52 -29.12 3.25
N ILE A 108 10.40 -28.50 4.05
CA ILE A 108 10.24 -27.11 4.50
C ILE A 108 11.61 -26.41 4.34
N TYR A 109 11.66 -25.36 3.55
CA TYR A 109 12.80 -24.41 3.62
C TYR A 109 12.54 -23.35 4.61
N TRP A 110 13.47 -23.24 5.57
CA TRP A 110 13.33 -22.22 6.61
C TRP A 110 14.33 -21.11 6.23
N LEU A 111 13.82 -19.93 5.97
CA LEU A 111 14.77 -18.84 5.63
C LEU A 111 15.37 -18.21 6.91
N ASN A 112 14.71 -18.37 8.09
CA ASN A 112 15.21 -17.97 9.39
C ASN A 112 15.33 -16.47 9.60
N TYR A 113 14.62 -15.69 8.76
CA TYR A 113 14.50 -14.25 9.24
C TYR A 113 13.76 -14.16 10.54
N ARG A 114 14.08 -13.16 11.36
CA ARG A 114 13.41 -13.08 12.65
C ARG A 114 12.01 -12.48 12.49
N ASP A 115 11.03 -13.18 13.13
CA ASP A 115 9.65 -12.77 13.13
C ASP A 115 9.54 -11.27 13.58
N THR A 116 8.76 -10.49 12.79
CA THR A 116 8.54 -9.04 12.96
C THR A 116 9.63 -8.28 12.28
N GLU A 117 10.61 -8.99 11.76
CA GLU A 117 11.82 -8.31 11.17
C GLU A 117 12.08 -8.78 9.76
N LEU A 118 11.09 -9.40 9.06
CA LEU A 118 11.41 -9.81 7.67
C LEU A 118 11.76 -8.54 6.83
N PRO A 119 12.94 -8.54 6.17
CA PRO A 119 13.24 -7.32 5.37
C PRO A 119 12.43 -7.30 4.09
N TYR A 120 12.24 -6.12 3.55
CA TYR A 120 11.71 -5.94 2.18
C TYR A 120 12.88 -5.54 1.33
N SER A 121 13.54 -6.49 0.71
CA SER A 121 14.81 -6.19 0.06
C SER A 121 15.21 -7.17 -1.00
N ARG A 122 16.11 -6.71 -1.84
CA ARG A 122 16.73 -7.62 -2.84
C ARG A 122 17.33 -8.87 -2.26
N GLU A 123 17.96 -8.79 -1.09
CA GLU A 123 18.51 -9.98 -0.43
C GLU A 123 17.38 -11.05 -0.24
N VAL A 124 16.19 -10.64 0.19
CA VAL A 124 15.15 -11.68 0.48
C VAL A 124 14.70 -12.22 -0.88
N ARG A 125 14.56 -11.34 -1.87
CA ARG A 125 14.19 -11.83 -3.24
C ARG A 125 15.19 -12.86 -3.68
N LYS A 126 16.46 -12.69 -3.37
CA LYS A 126 17.50 -13.65 -3.86
C LYS A 126 17.31 -14.99 -3.16
N ASP A 127 16.90 -15.02 -1.86
CA ASP A 127 16.67 -16.30 -1.23
C ASP A 127 15.51 -17.09 -1.89
N LEU A 128 14.44 -16.40 -2.17
CA LEU A 128 13.23 -17.04 -2.80
C LEU A 128 13.62 -17.48 -4.17
N THR A 129 14.45 -16.65 -4.78
CA THR A 129 14.86 -16.87 -6.20
C THR A 129 15.72 -18.14 -6.25
N LYS A 130 16.63 -18.34 -5.32
CA LYS A 130 17.49 -19.51 -5.26
C LYS A 130 16.56 -20.76 -5.13
N ILE A 131 15.53 -20.68 -4.28
CA ILE A 131 14.64 -21.84 -4.08
C ILE A 131 13.80 -22.12 -5.40
N LEU A 132 13.22 -21.07 -5.96
CA LEU A 132 12.50 -21.19 -7.24
C LEU A 132 13.36 -21.77 -8.35
N ARG A 133 14.62 -21.32 -8.49
CA ARG A 133 15.48 -21.87 -9.54
C ARG A 133 15.87 -23.32 -9.24
N LYS A 134 16.04 -23.68 -7.98
CA LYS A 134 16.40 -25.08 -7.70
C LYS A 134 15.21 -26.01 -7.85
N GLU A 135 14.07 -25.63 -7.34
CA GLU A 135 12.93 -26.58 -7.27
C GLU A 135 12.09 -26.51 -8.55
N GLN A 136 12.16 -25.41 -9.27
CA GLN A 136 11.32 -25.23 -10.47
C GLN A 136 9.85 -25.66 -10.28
N PRO A 137 9.12 -25.10 -9.31
CA PRO A 137 7.71 -25.49 -9.07
C PRO A 137 6.79 -25.06 -10.22
N ASP A 138 5.71 -25.84 -10.41
CA ASP A 138 4.64 -25.43 -11.33
C ASP A 138 3.77 -24.33 -10.81
N GLY A 139 3.66 -24.18 -9.47
CA GLY A 139 2.81 -23.16 -8.92
C GLY A 139 3.41 -22.65 -7.63
N VAL A 140 2.97 -21.44 -7.19
CA VAL A 140 3.46 -20.86 -5.97
C VAL A 140 2.26 -20.27 -5.27
N PHE A 141 2.10 -20.50 -3.99
CA PHE A 141 1.06 -19.87 -3.24
C PHE A 141 1.66 -18.93 -2.21
N ALA A 142 1.02 -17.78 -1.96
CA ALA A 142 1.59 -16.73 -1.06
C ALA A 142 0.46 -15.87 -0.59
N PRO A 143 0.60 -15.17 0.55
CA PRO A 143 -0.44 -14.29 1.02
C PRO A 143 -0.65 -13.13 0.03
N ASP A 144 -1.87 -12.65 -0.03
CA ASP A 144 -2.22 -11.51 -0.90
C ASP A 144 -1.75 -10.23 -0.19
N PRO A 145 -0.69 -9.58 -0.74
CA PRO A 145 -0.18 -8.36 0.02
C PRO A 145 -1.15 -7.18 0.00
N TRP A 146 -2.23 -7.27 -0.78
CA TRP A 146 -3.22 -6.21 -0.82
C TRP A 146 -4.39 -6.42 0.09
N LEU A 147 -4.34 -7.44 0.96
CA LEU A 147 -5.41 -7.60 1.89
C LEU A 147 -5.65 -6.36 2.70
N PRO A 148 -6.89 -5.83 2.67
CA PRO A 148 -7.07 -4.56 3.47
C PRO A 148 -6.89 -4.76 4.94
N TYR A 149 -6.26 -3.77 5.58
CA TYR A 149 -6.14 -3.78 7.04
C TYR A 149 -5.17 -4.86 7.52
N GLU A 150 -4.51 -5.54 6.60
CA GLU A 150 -3.45 -6.44 7.03
C GLU A 150 -2.30 -5.70 7.68
N SER A 151 -2.23 -5.81 9.01
CA SER A 151 -1.29 -4.95 9.75
C SER A 151 0.04 -5.62 10.07
N HIS A 152 0.29 -6.84 9.63
CA HIS A 152 1.56 -7.50 9.96
C HIS A 152 2.52 -7.32 8.83
N PRO A 153 3.60 -6.54 9.00
CA PRO A 153 4.52 -6.33 7.86
C PRO A 153 5.14 -7.60 7.35
N ASP A 154 5.26 -8.70 8.19
CA ASP A 154 5.81 -9.87 7.62
C ASP A 154 4.83 -10.47 6.59
N HIS A 155 3.56 -10.25 6.75
CA HIS A 155 2.55 -10.80 5.82
C HIS A 155 2.58 -9.98 4.56
N ARG A 156 2.53 -8.67 4.68
CA ARG A 156 2.55 -7.83 3.42
C ARG A 156 3.84 -8.11 2.66
N ARG A 157 5.01 -8.05 3.35
CA ARG A 157 6.25 -8.29 2.67
C ARG A 157 6.39 -9.65 2.01
N THR A 158 5.92 -10.72 2.69
CA THR A 158 6.05 -12.00 2.07
C THR A 158 5.25 -12.04 0.76
N GLY A 159 4.05 -11.48 0.72
CA GLY A 159 3.25 -11.43 -0.48
C GLY A 159 3.91 -10.68 -1.60
N PHE A 160 4.39 -9.46 -1.29
CA PHE A 160 5.10 -8.72 -2.37
C PHE A 160 6.35 -9.42 -2.82
N LEU A 161 7.15 -9.95 -1.88
CA LEU A 161 8.39 -10.57 -2.27
C LEU A 161 8.16 -11.85 -3.13
N ALA A 162 7.10 -12.55 -2.78
CA ALA A 162 6.85 -13.82 -3.55
C ALA A 162 6.49 -13.47 -5.00
N ILE A 163 5.62 -12.50 -5.20
CA ILE A 163 5.16 -12.16 -6.57
C ILE A 163 6.34 -11.61 -7.33
N GLU A 164 7.10 -10.72 -6.67
CA GLU A 164 8.29 -10.21 -7.29
C GLU A 164 9.33 -11.24 -7.69
N SER A 165 9.55 -12.22 -6.79
CA SER A 165 10.60 -13.19 -7.04
C SER A 165 10.15 -14.20 -8.15
N VAL A 166 8.87 -14.53 -8.18
CA VAL A 166 8.37 -15.36 -9.26
C VAL A 166 8.72 -14.75 -10.63
N ALA A 167 8.57 -13.43 -10.71
CA ALA A 167 8.90 -12.69 -11.92
C ALA A 167 10.36 -12.63 -12.15
N PHE A 168 11.13 -12.12 -11.16
CA PHE A 168 12.51 -11.76 -11.46
C PHE A 168 13.43 -12.97 -11.53
N SER A 169 13.01 -14.08 -10.86
CA SER A 169 13.83 -15.31 -10.89
C SER A 169 13.89 -15.85 -12.33
N GLN A 170 13.05 -15.35 -13.22
CA GLN A 170 13.04 -15.77 -14.66
C GLN A 170 14.05 -15.00 -15.43
N LEU A 171 14.70 -14.02 -14.81
CA LEU A 171 15.63 -13.11 -15.59
C LEU A 171 17.08 -13.44 -15.32
N PRO A 172 17.85 -13.81 -16.34
CA PRO A 172 19.23 -14.31 -16.07
C PRO A 172 20.21 -13.28 -15.46
N ASN A 173 19.92 -12.01 -15.65
CA ASN A 173 20.79 -11.01 -15.01
C ASN A 173 20.39 -10.71 -13.57
N PHE A 174 19.29 -11.28 -13.10
CA PHE A 174 18.82 -11.09 -11.73
C PHE A 174 19.49 -12.18 -10.90
N SER A 175 20.15 -11.79 -9.82
CA SER A 175 20.82 -12.73 -8.96
C SER A 175 21.69 -13.67 -9.79
N ASN A 176 22.64 -13.11 -10.51
CA ASN A 176 23.27 -13.90 -11.56
C ASN A 176 24.19 -14.95 -11.04
N THR A 177 24.70 -14.81 -9.80
CA THR A 177 25.65 -15.81 -9.27
C THR A 177 24.93 -17.19 -9.14
N ASP A 178 23.60 -17.20 -9.00
CA ASP A 178 22.84 -18.50 -9.10
C ASP A 178 23.21 -19.24 -10.42
N LEU A 179 23.15 -18.55 -11.57
CA LEU A 179 23.43 -19.22 -12.85
C LEU A 179 24.90 -19.65 -12.84
N ASP A 180 25.79 -18.81 -12.30
CA ASP A 180 27.18 -19.09 -12.32
C ASP A 180 27.60 -20.35 -11.55
N ILE A 181 26.76 -20.74 -10.56
CA ILE A 181 26.99 -21.92 -9.77
C ILE A 181 26.13 -23.05 -10.30
N GLY A 182 25.40 -22.83 -11.39
CA GLY A 182 24.81 -23.99 -12.09
C GLY A 182 23.29 -24.06 -12.08
N LEU A 183 22.61 -23.14 -11.41
CA LEU A 183 21.19 -23.05 -11.45
C LEU A 183 20.72 -22.43 -12.76
N ASN A 184 19.50 -22.75 -13.16
CA ASN A 184 18.91 -22.11 -14.36
C ASN A 184 17.80 -21.16 -13.90
N PRO A 185 17.46 -20.17 -14.73
CA PRO A 185 16.35 -19.29 -14.45
C PRO A 185 15.07 -20.07 -14.22
N TYR A 186 14.19 -19.51 -13.43
CA TYR A 186 12.91 -20.14 -13.15
C TYR A 186 12.12 -20.13 -14.46
N ASN A 187 11.63 -21.27 -14.91
N ASN A 187 11.69 -21.29 -14.86
CA ASN A 187 10.85 -21.26 -16.18
CA ASN A 187 10.94 -21.36 -16.05
C ASN A 187 9.80 -22.31 -16.22
C ASN A 187 9.63 -21.66 -15.43
N SER A 188 9.58 -22.94 -15.07
CA SER A 188 8.44 -23.82 -14.91
C SER A 188 7.05 -23.38 -14.48
N GLY A 189 6.91 -22.22 -13.83
CA GLY A 189 5.66 -21.91 -13.16
C GLY A 189 4.59 -21.64 -14.20
N SER A 190 3.41 -22.18 -13.84
N SER A 190 3.39 -22.08 -13.94
CA SER A 190 2.16 -21.96 -14.57
CA SER A 190 2.35 -21.35 -14.61
C SER A 190 1.27 -21.01 -13.75
C SER A 190 2.21 -20.34 -13.49
N PHE A 191 1.57 -20.83 -12.45
CA PHE A 191 0.70 -20.01 -11.64
C PHE A 191 1.18 -19.49 -10.34
N ILE A 192 0.57 -18.35 -9.95
CA ILE A 192 0.60 -17.87 -8.61
C ILE A 192 -0.81 -17.88 -8.11
N ALA A 193 -0.98 -18.29 -6.86
CA ALA A 193 -2.27 -18.14 -6.24
C ALA A 193 -2.13 -17.50 -4.86
N LEU A 194 -2.93 -16.50 -4.63
CA LEU A 194 -2.81 -15.79 -3.38
C LEU A 194 -3.88 -16.20 -2.36
N TYR A 195 -3.48 -16.64 -1.16
CA TYR A 195 -4.39 -16.88 -0.14
C TYR A 195 -4.46 -15.76 0.82
N TYR A 196 -5.23 -15.91 1.87
CA TYR A 196 -5.51 -14.76 2.80
C TYR A 196 -5.96 -13.58 1.99
N THR A 197 -6.99 -13.77 1.18
CA THR A 197 -7.39 -12.66 0.25
C THR A 197 -8.84 -12.24 0.42
N HIS A 198 -9.10 -10.94 0.21
CA HIS A 198 -10.47 -10.44 0.34
C HIS A 198 -11.18 -10.52 -1.01
N LYS A 199 -10.41 -10.77 -2.09
CA LYS A 199 -10.96 -10.79 -3.47
C LYS A 199 -10.69 -12.11 -4.21
N PRO A 200 -11.14 -13.25 -3.59
CA PRO A 200 -10.86 -14.51 -4.20
C PRO A 200 -11.69 -14.66 -5.44
N ASN A 201 -11.13 -15.35 -6.41
CA ASN A 201 -11.89 -15.71 -7.56
C ASN A 201 -11.81 -17.23 -7.82
N TYR A 202 -11.30 -17.95 -6.85
CA TYR A 202 -11.34 -19.45 -6.92
C TYR A 202 -11.51 -19.98 -5.51
N ILE A 203 -12.48 -20.88 -5.27
CA ILE A 203 -12.75 -21.31 -3.88
C ILE A 203 -12.62 -22.80 -3.82
N VAL A 204 -11.82 -23.32 -2.88
CA VAL A 204 -11.73 -24.80 -2.73
C VAL A 204 -12.69 -25.18 -1.57
N ASP A 205 -13.58 -26.17 -1.83
CA ASP A 205 -14.44 -26.66 -0.76
C ASP A 205 -13.61 -27.55 0.17
N ILE A 206 -13.58 -27.21 1.45
CA ILE A 206 -12.80 -27.98 2.46
C ILE A 206 -13.74 -28.49 3.51
N THR A 207 -15.05 -28.50 3.14
CA THR A 207 -15.97 -28.82 4.22
C THR A 207 -15.69 -30.20 4.88
N ASP A 208 -15.30 -31.23 4.16
N ASP A 208 -15.29 -31.16 4.03
CA ASP A 208 -15.05 -32.45 4.90
CA ASP A 208 -14.87 -32.55 4.36
C ASP A 208 -13.67 -32.51 5.53
C ASP A 208 -13.45 -32.66 4.94
N LEU A 209 -12.82 -31.51 5.20
CA LEU A 209 -11.44 -31.46 5.70
C LEU A 209 -11.25 -30.48 6.83
N MET A 210 -12.33 -29.83 7.23
CA MET A 210 -12.24 -28.78 8.17
C MET A 210 -11.79 -29.31 9.50
N GLU A 211 -12.27 -30.49 9.92
CA GLU A 211 -11.86 -30.99 11.20
C GLU A 211 -10.36 -31.25 11.27
N LEU A 212 -9.84 -31.81 10.19
CA LEU A 212 -8.41 -32.07 10.10
C LEU A 212 -7.61 -30.77 10.04
N LYS A 213 -8.12 -29.80 9.29
CA LYS A 213 -7.46 -28.48 9.26
C LYS A 213 -7.36 -27.94 10.65
N LEU A 214 -8.47 -27.92 11.38
CA LEU A 214 -8.43 -27.38 12.73
C LEU A 214 -7.43 -28.16 13.61
N LYS A 215 -7.41 -29.50 13.45
CA LYS A 215 -6.50 -30.34 14.23
C LYS A 215 -5.01 -29.93 13.91
N ALA A 216 -4.73 -29.79 12.62
CA ALA A 216 -3.37 -29.43 12.10
C ALA A 216 -2.97 -28.02 12.55
N ILE A 217 -3.92 -27.10 12.66
CA ILE A 217 -3.59 -25.76 13.24
C ILE A 217 -3.26 -25.87 14.75
N ARG A 218 -4.07 -26.64 15.48
CA ARG A 218 -3.89 -26.71 16.92
C ARG A 218 -2.56 -27.44 17.31
N VAL A 219 -1.94 -28.17 16.35
CA VAL A 219 -0.63 -28.85 16.51
C VAL A 219 0.39 -27.73 16.87
N HIS A 220 0.11 -26.52 16.36
CA HIS A 220 0.89 -25.33 16.77
C HIS A 220 0.50 -24.88 18.17
N ARG A 221 0.80 -25.71 19.20
CA ARG A 221 0.23 -25.50 20.51
C ARG A 221 0.73 -24.21 21.18
N SER A 222 1.97 -23.81 20.89
CA SER A 222 2.47 -22.58 21.51
C SER A 222 1.63 -21.38 21.06
N GLN A 223 1.01 -21.47 19.91
CA GLN A 223 0.20 -20.36 19.38
C GLN A 223 -1.26 -20.42 19.82
N PHE A 224 -1.75 -21.64 20.11
CA PHE A 224 -3.16 -21.82 20.38
C PHE A 224 -3.46 -22.59 21.69
N PRO A 225 -2.98 -22.09 22.82
CA PRO A 225 -3.51 -22.60 24.11
C PRO A 225 -5.07 -22.39 24.16
N ASP A 226 -5.72 -23.09 25.09
CA ASP A 226 -7.19 -23.13 25.12
C ASP A 226 -7.78 -21.72 25.16
N ASP A 227 -7.22 -20.81 25.96
CA ASP A 227 -7.84 -19.52 26.06
C ASP A 227 -7.84 -18.69 24.77
N ILE A 228 -6.82 -18.88 23.95
CA ILE A 228 -6.69 -18.17 22.68
C ILE A 228 -7.62 -18.89 21.67
N TRP A 229 -7.68 -20.24 21.76
CA TRP A 229 -8.53 -21.01 20.88
C TRP A 229 -9.99 -20.69 21.02
N GLU A 230 -10.42 -20.26 22.21
CA GLU A 230 -11.81 -19.81 22.44
C GLU A 230 -12.25 -18.70 21.46
N LYS A 231 -11.30 -17.88 21.02
CA LYS A 231 -11.54 -16.80 20.02
C LYS A 231 -11.21 -17.27 18.62
N TRP A 232 -10.09 -17.98 18.49
CA TRP A 232 -9.62 -18.37 17.13
C TRP A 232 -10.45 -19.41 16.42
N GLU A 233 -11.01 -20.34 17.18
CA GLU A 233 -11.84 -21.39 16.53
C GLU A 233 -13.07 -20.72 15.88
N PRO A 234 -13.80 -19.87 16.62
CA PRO A 234 -14.91 -19.18 15.94
C PRO A 234 -14.44 -18.32 14.76
N PHE A 235 -13.36 -17.56 14.98
CA PHE A 235 -12.81 -16.73 13.83
C PHE A 235 -12.46 -17.58 12.61
N LEU A 236 -11.74 -18.68 12.82
CA LEU A 236 -11.34 -19.55 11.69
C LEU A 236 -12.54 -20.20 11.02
N ARG A 237 -13.52 -20.65 11.83
CA ARG A 237 -14.75 -21.17 11.25
C ARG A 237 -15.51 -20.12 10.45
N THR A 238 -15.60 -18.92 10.97
CA THR A 238 -16.31 -17.86 10.26
C THR A 238 -15.61 -17.44 8.96
N ILE A 239 -14.28 -17.29 8.98
CA ILE A 239 -13.54 -17.19 7.73
C ILE A 239 -13.82 -18.29 6.68
N ALA A 240 -13.84 -19.54 7.14
CA ALA A 240 -14.04 -20.67 6.21
C ALA A 240 -15.51 -20.63 5.63
N MET A 241 -16.41 -20.13 6.43
CA MET A 241 -17.83 -19.91 5.99
C MET A 241 -17.94 -18.75 5.02
N PHE A 242 -17.13 -17.68 5.22
CA PHE A 242 -17.15 -16.58 4.32
C PHE A 242 -16.72 -17.02 2.95
N TYR A 243 -15.65 -17.84 2.86
CA TYR A 243 -15.21 -18.25 1.57
C TYR A 243 -16.20 -19.36 1.03
N GLY A 244 -16.66 -20.26 1.88
CA GLY A 244 -17.38 -21.46 1.35
C GLY A 244 -18.69 -20.97 0.76
N GLU A 245 -19.25 -19.95 1.39
CA GLU A 245 -20.58 -19.36 1.03
C GLU A 245 -20.59 -18.86 -0.40
N LYS A 246 -19.44 -18.39 -0.90
CA LYS A 246 -19.33 -17.91 -2.30
C LYS A 246 -19.55 -18.97 -3.38
N ILE A 247 -19.39 -20.25 -3.02
CA ILE A 247 -19.70 -21.35 -3.94
C ILE A 247 -20.77 -22.24 -3.29
N GLY A 248 -21.47 -21.75 -2.26
CA GLY A 248 -22.58 -22.51 -1.67
C GLY A 248 -22.20 -23.75 -0.92
N VAL A 249 -21.03 -23.71 -0.25
CA VAL A 249 -20.63 -24.83 0.61
C VAL A 249 -20.38 -24.33 2.01
N ARG A 250 -20.29 -25.27 2.96
CA ARG A 250 -20.19 -24.90 4.31
C ARG A 250 -18.84 -24.17 4.58
N TYR A 251 -17.73 -24.80 4.18
CA TYR A 251 -16.35 -24.33 4.58
C TYR A 251 -15.54 -24.27 3.33
N GLY A 252 -14.86 -23.10 3.10
CA GLY A 252 -14.03 -23.01 1.96
C GLY A 252 -12.66 -22.29 2.27
N GLU A 253 -11.81 -22.38 1.27
CA GLU A 253 -10.53 -21.62 1.25
C GLU A 253 -10.53 -20.84 -0.03
N GLY A 254 -10.14 -19.53 0.07
CA GLY A 254 -10.26 -18.61 -1.06
C GLY A 254 -8.89 -18.25 -1.63
N PHE A 255 -8.78 -18.26 -2.94
CA PHE A 255 -7.55 -17.88 -3.61
C PHE A 255 -7.87 -16.77 -4.64
N ARG A 256 -6.91 -15.85 -4.87
CA ARG A 256 -6.99 -15.02 -6.06
C ARG A 256 -5.95 -15.38 -7.09
N ILE A 257 -6.39 -15.60 -8.31
CA ILE A 257 -5.50 -15.98 -9.37
C ILE A 257 -5.78 -15.03 -10.53
N MET A 258 -4.71 -14.52 -11.13
CA MET A 258 -4.79 -13.65 -12.33
C MET A 258 -3.76 -14.04 -13.36
N PRO A 259 -3.99 -13.71 -14.65
CA PRO A 259 -2.92 -13.84 -15.67
C PRO A 259 -1.67 -13.00 -15.26
N GLY A 260 -0.50 -13.49 -15.55
CA GLY A 260 0.77 -12.81 -15.23
C GLY A 260 0.75 -11.34 -15.62
N LEU A 261 0.25 -11.00 -16.82
CA LEU A 261 0.17 -9.58 -17.23
C LEU A 261 -0.56 -8.66 -16.28
N PHE A 262 -1.57 -9.17 -15.61
CA PHE A 262 -2.42 -8.36 -14.78
C PHE A 262 -1.72 -7.76 -13.53
N TYR A 263 -0.57 -8.35 -13.23
CA TYR A 263 0.23 -7.89 -12.03
C TYR A 263 1.03 -6.68 -12.44
N HIS A 264 0.77 -6.09 -13.60
CA HIS A 264 1.59 -4.93 -14.00
C HIS A 264 0.76 -4.05 -14.92
N ILE A 265 0.71 -2.73 -14.62
CA ILE A 265 0.09 -1.67 -15.48
C ILE A 265 -1.36 -1.93 -15.87
N THR A 266 -2.05 -2.85 -15.16
CA THR A 266 -3.36 -3.21 -15.65
C THR A 266 -4.48 -2.44 -14.98
N PRO A 267 -5.31 -1.70 -15.76
CA PRO A 267 -6.29 -0.91 -15.01
C PRO A 267 -7.68 -1.50 -14.80
N PHE A 268 -7.83 -2.78 -15.17
CA PHE A 268 -9.16 -3.48 -15.15
C PHE A 268 -9.04 -4.79 -14.38
N THR A 269 -8.16 -4.83 -13.38
CA THR A 269 -7.95 -6.08 -12.61
C THR A 269 -9.20 -6.52 -11.84
N ASP A 270 -10.09 -5.57 -11.57
CA ASP A 270 -11.35 -5.85 -10.91
C ASP A 270 -12.41 -6.56 -11.77
N LEU A 271 -12.08 -6.86 -13.02
CA LEU A 271 -13.00 -7.55 -13.94
C LEU A 271 -12.84 -9.07 -13.87
N ILE A 272 -11.85 -9.51 -13.07
CA ILE A 272 -11.68 -10.95 -12.66
C ILE A 272 -11.58 -11.07 -11.13
N PHE B 6 -18.98 -22.91 17.62
CA PHE B 6 -19.41 -22.46 16.27
C PHE B 6 -19.61 -23.60 15.30
N GLU B 7 -19.29 -24.84 15.73
CA GLU B 7 -19.43 -25.97 14.77
C GLU B 7 -20.83 -26.12 14.15
N ASP B 8 -21.88 -25.60 14.81
CA ASP B 8 -23.29 -25.85 14.43
C ASP B 8 -24.05 -24.67 13.80
N ILE B 9 -23.56 -23.45 14.00
CA ILE B 9 -24.10 -22.26 13.32
C ILE B 9 -24.24 -22.46 11.81
N ASP B 10 -25.30 -21.87 11.24
CA ASP B 10 -25.78 -22.19 9.90
C ASP B 10 -25.37 -21.31 8.70
N THR B 11 -25.25 -19.99 8.84
CA THR B 11 -24.97 -19.10 7.68
C THR B 11 -23.71 -18.33 8.05
N PHE B 12 -22.99 -17.84 7.07
CA PHE B 12 -21.94 -16.86 7.36
C PHE B 12 -22.48 -15.67 8.19
N GLU B 13 -23.57 -15.03 7.71
CA GLU B 13 -24.15 -13.79 8.31
C GLU B 13 -24.38 -13.97 9.81
N GLU B 14 -24.91 -15.12 10.19
CA GLU B 14 -25.09 -15.46 11.60
C GLU B 14 -23.74 -15.57 12.31
N ALA B 15 -22.85 -16.39 11.77
CA ALA B 15 -21.52 -16.62 12.34
C ALA B 15 -20.83 -15.26 12.65
N PHE B 16 -20.91 -14.35 11.67
CA PHE B 16 -20.26 -13.03 11.73
C PHE B 16 -20.89 -12.25 12.87
N ASN B 17 -22.22 -12.29 12.96
CA ASN B 17 -22.86 -11.44 13.95
C ASN B 17 -22.51 -11.93 15.33
N LYS B 18 -22.37 -13.26 15.50
CA LYS B 18 -22.08 -13.80 16.81
C LYS B 18 -20.57 -13.59 17.15
N LEU B 19 -19.74 -13.67 16.10
CA LEU B 19 -18.27 -13.50 16.30
C LEU B 19 -18.06 -12.09 16.86
N LEU B 20 -18.68 -11.08 16.22
CA LEU B 20 -18.49 -9.72 16.69
C LEU B 20 -19.10 -9.48 18.04
N ARG B 21 -20.37 -9.84 18.17
CA ARG B 21 -21.11 -9.39 19.36
C ARG B 21 -20.82 -10.28 20.58
N GLU B 22 -20.65 -11.59 20.41
CA GLU B 22 -20.43 -12.41 21.62
C GLU B 22 -18.99 -12.86 21.81
N VAL B 23 -18.32 -13.31 20.74
CA VAL B 23 -16.98 -13.83 20.89
C VAL B 23 -16.01 -12.65 21.17
N LEU B 24 -16.12 -11.59 20.36
CA LEU B 24 -15.18 -10.45 20.45
C LEU B 24 -15.78 -9.32 21.30
N GLU B 25 -17.05 -9.42 21.63
CA GLU B 25 -17.71 -8.35 22.40
C GLU B 25 -17.35 -6.99 21.79
N PHE B 26 -17.47 -6.90 20.47
CA PHE B 26 -17.21 -5.64 19.81
C PHE B 26 -18.35 -4.61 19.92
N ASP B 27 -18.01 -3.42 20.39
CA ASP B 27 -18.98 -2.38 20.73
C ASP B 27 -18.74 -1.08 19.96
N LEU B 28 -19.59 -0.69 19.00
CA LEU B 28 -19.36 0.65 18.39
C LEU B 28 -20.27 1.69 19.00
N GLN B 29 -20.92 1.37 20.12
CA GLN B 29 -21.86 2.31 20.72
C GLN B 29 -21.16 3.27 21.65
N ASN B 30 -20.26 2.76 22.49
CA ASN B 30 -19.57 3.63 23.43
C ASN B 30 -18.10 3.30 23.50
N PRO B 31 -17.40 3.30 22.35
CA PRO B 31 -16.11 2.66 22.32
C PRO B 31 -15.13 3.33 23.29
N PHE B 32 -15.35 4.59 23.71
CA PHE B 32 -14.29 5.25 24.49
C PHE B 32 -14.66 5.24 25.98
N LYS B 33 -15.79 4.59 26.30
CA LYS B 33 -16.17 4.44 27.72
C LYS B 33 -15.12 3.65 28.52
N ASP B 34 -15.02 4.04 29.77
CA ASP B 34 -14.02 3.56 30.68
C ASP B 34 -12.60 3.98 30.35
N ALA B 35 -12.35 4.66 29.20
CA ALA B 35 -10.96 5.09 28.95
C ALA B 35 -10.57 6.06 30.04
N LYS B 36 -9.44 5.81 30.69
CA LYS B 36 -8.89 6.71 31.64
C LYS B 36 -7.70 7.48 31.04
N LYS B 37 -6.98 6.86 30.13
CA LYS B 37 -5.76 7.47 29.59
C LYS B 37 -5.64 7.00 28.16
N VAL B 38 -5.41 7.95 27.22
CA VAL B 38 -5.28 7.57 25.78
C VAL B 38 -4.03 8.22 25.24
N LEU B 39 -3.48 7.66 24.18
CA LEU B 39 -2.38 8.34 23.47
C LEU B 39 -2.94 8.70 22.13
N CYS B 40 -2.54 9.85 21.67
N CYS B 40 -2.76 9.96 21.72
CA CYS B 40 -2.94 10.33 20.34
CA CYS B 40 -2.96 10.40 20.28
C CYS B 40 -1.66 10.53 19.60
C CYS B 40 -1.58 10.46 19.65
N ILE B 41 -1.40 9.66 18.61
CA ILE B 41 -0.12 9.59 17.91
C ILE B 41 -0.27 10.43 16.62
N GLU B 42 0.55 11.47 16.51
CA GLU B 42 0.44 12.32 15.30
C GLU B 42 1.75 12.35 14.49
N PRO B 43 1.66 12.35 13.15
CA PRO B 43 2.91 12.45 12.36
C PRO B 43 3.71 13.80 12.55
N HIS B 44 2.95 14.92 12.59
CA HIS B 44 3.52 16.27 12.68
C HIS B 44 2.81 17.00 13.77
N PRO B 45 3.47 18.06 14.28
CA PRO B 45 2.80 19.05 15.15
C PRO B 45 1.61 19.68 14.38
N ASP B 46 0.40 19.48 14.93
CA ASP B 46 -0.92 19.92 14.33
C ASP B 46 -1.85 18.75 13.90
N ASP B 47 -1.28 17.57 13.69
CA ASP B 47 -2.17 16.50 13.23
C ASP B 47 -3.19 16.00 14.23
N CYS B 48 -2.87 15.95 15.51
CA CYS B 48 -3.92 15.52 16.49
C CYS B 48 -5.07 16.51 16.49
N VAL B 49 -4.76 17.81 16.48
CA VAL B 49 -5.88 18.76 16.49
C VAL B 49 -6.65 18.78 15.15
N ILE B 50 -5.94 18.71 14.01
CA ILE B 50 -6.64 18.68 12.73
C ILE B 50 -7.52 17.45 12.59
N GLY B 51 -6.92 16.33 12.94
CA GLY B 51 -7.70 15.04 12.73
C GLY B 51 -8.78 14.88 13.81
N MET B 52 -8.44 15.21 15.04
CA MET B 52 -9.37 14.80 16.12
C MET B 52 -9.47 15.75 17.29
N GLY B 53 -9.20 17.01 17.02
CA GLY B 53 -9.20 18.02 18.13
C GLY B 53 -10.49 18.13 18.93
N GLY B 54 -11.60 18.03 18.23
CA GLY B 54 -12.89 18.12 18.94
C GLY B 54 -13.03 16.87 19.86
N THR B 55 -12.64 15.68 19.40
CA THR B 55 -12.76 14.51 20.25
C THR B 55 -11.80 14.62 21.43
N ILE B 56 -10.58 15.12 21.22
CA ILE B 56 -9.64 15.28 22.33
C ILE B 56 -10.25 16.20 23.33
N LYS B 57 -10.89 17.29 22.88
CA LYS B 57 -11.53 18.15 23.93
C LYS B 57 -12.58 17.43 24.73
N LYS B 58 -13.40 16.66 24.04
CA LYS B 58 -14.51 15.92 24.70
C LYS B 58 -13.96 14.91 25.69
N LEU B 59 -12.88 14.26 25.32
CA LEU B 59 -12.20 13.28 26.25
C LEU B 59 -11.67 14.04 27.46
N SER B 60 -10.96 15.16 27.21
CA SER B 60 -10.49 15.95 28.30
C SER B 60 -11.59 16.44 29.22
N ASP B 61 -12.63 16.99 28.64
CA ASP B 61 -13.84 17.45 29.40
C ASP B 61 -14.35 16.29 30.31
N MET B 62 -14.31 15.04 29.82
CA MET B 62 -14.82 13.82 30.56
C MET B 62 -13.81 13.34 31.65
N GLY B 63 -12.64 13.97 31.73
CA GLY B 63 -11.62 13.60 32.71
C GLY B 63 -10.70 12.51 32.26
N VAL B 64 -10.67 12.23 30.95
CA VAL B 64 -9.67 11.33 30.37
C VAL B 64 -8.33 12.05 30.21
N GLU B 65 -7.23 11.38 30.55
CA GLU B 65 -5.92 11.95 30.39
C GLU B 65 -5.46 11.69 28.93
N VAL B 66 -5.38 12.75 28.14
CA VAL B 66 -4.95 12.58 26.72
C VAL B 66 -3.48 12.99 26.62
N ILE B 67 -2.65 12.10 26.05
CA ILE B 67 -1.19 12.37 25.94
C ILE B 67 -0.84 12.29 24.45
N TYR B 68 -0.13 13.27 23.95
CA TYR B 68 0.26 13.16 22.54
C TYR B 68 1.58 12.42 22.39
N VAL B 69 1.74 11.76 21.24
CA VAL B 69 3.09 11.30 20.85
C VAL B 69 3.26 11.92 19.47
N CYS B 70 4.23 12.84 19.32
CA CYS B 70 4.47 13.43 17.98
C CYS B 70 5.67 12.85 17.36
N MET B 71 5.50 12.25 16.17
CA MET B 71 6.55 11.51 15.58
C MET B 71 7.72 12.33 15.06
N THR B 72 7.37 13.48 14.48
CA THR B 72 8.37 14.33 13.84
C THR B 72 8.36 15.74 14.36
N ASP B 73 9.34 16.50 13.87
CA ASP B 73 9.52 17.83 14.45
C ASP B 73 8.92 18.96 13.58
N GLY B 74 8.34 18.65 12.41
CA GLY B 74 7.75 19.68 11.53
C GLY B 74 8.84 20.64 10.92
N TYR B 75 10.07 20.15 10.83
CA TYR B 75 11.22 20.93 10.36
C TYR B 75 11.03 21.50 8.95
N MET B 76 10.31 20.80 8.08
CA MET B 76 10.23 21.22 6.69
C MET B 76 9.07 22.13 6.39
N GLY B 77 8.12 22.33 7.31
CA GLY B 77 6.84 23.00 7.00
C GLY B 77 6.85 24.51 6.84
N THR B 78 7.65 25.03 5.90
CA THR B 78 7.64 26.49 5.62
C THR B 78 8.12 26.75 4.21
N THR B 79 7.58 27.79 3.56
CA THR B 79 8.17 28.19 2.33
C THR B 79 8.99 29.49 2.53
N ASP B 80 9.17 29.91 3.79
CA ASP B 80 9.95 31.16 4.05
C ASP B 80 11.47 30.82 4.01
N GLU B 81 12.16 31.29 2.98
CA GLU B 81 13.56 31.04 2.79
C GLU B 81 14.49 31.59 3.92
N SER B 82 13.97 32.54 4.71
CA SER B 82 14.74 33.01 5.82
C SER B 82 14.46 32.24 7.13
N LEU B 83 13.60 31.19 7.14
CA LEU B 83 13.31 30.50 8.40
C LEU B 83 13.97 29.11 8.24
N SER B 84 15.01 28.81 8.99
CA SER B 84 15.64 27.48 8.93
C SER B 84 14.71 26.39 9.55
N GLY B 85 15.02 25.14 9.19
CA GLY B 85 14.17 24.07 9.83
C GLY B 85 14.36 24.00 11.31
N HIS B 86 15.58 24.29 11.85
CA HIS B 86 15.79 24.20 13.29
C HIS B 86 14.90 25.28 13.93
N GLU B 87 14.95 26.47 13.36
CA GLU B 87 14.13 27.60 13.93
C GLU B 87 12.64 27.30 13.85
N LEU B 88 12.20 26.68 12.74
CA LEU B 88 10.75 26.39 12.56
C LEU B 88 10.37 25.26 13.58
N ALA B 89 11.24 24.26 13.78
CA ALA B 89 10.91 23.23 14.74
C ALA B 89 10.70 23.79 16.10
N ALA B 90 11.57 24.76 16.47
CA ALA B 90 11.40 25.29 17.83
C ALA B 90 10.08 26.11 17.92
N ILE B 91 9.76 26.84 16.88
CA ILE B 91 8.42 27.56 16.79
C ILE B 91 7.27 26.56 16.95
N ARG B 92 7.36 25.44 16.19
CA ARG B 92 6.19 24.52 16.15
C ARG B 92 6.01 23.82 17.47
N ARG B 93 7.10 23.61 18.22
CA ARG B 93 6.94 22.96 19.52
C ARG B 93 6.07 23.88 20.48
N LYS B 94 6.29 25.17 20.44
CA LYS B 94 5.53 26.12 21.29
C LYS B 94 4.10 26.28 20.75
N GLU B 95 3.90 26.16 19.41
CA GLU B 95 2.58 26.27 18.85
C GLU B 95 1.79 25.05 19.29
N GLU B 96 2.40 23.85 19.24
CA GLU B 96 1.69 22.64 19.74
C GLU B 96 1.39 22.74 21.22
N GLU B 97 2.32 23.30 22.01
CA GLU B 97 2.02 23.41 23.47
C GLU B 97 0.79 24.31 23.68
N GLU B 98 0.68 25.34 22.87
CA GLU B 98 -0.46 26.29 23.10
C GLU B 98 -1.75 25.59 22.66
N SER B 99 -1.70 24.97 21.48
CA SER B 99 -2.87 24.25 20.89
C SER B 99 -3.33 23.17 21.86
N ALA B 100 -2.37 22.40 22.35
CA ALA B 100 -2.71 21.28 23.25
C ALA B 100 -3.37 21.81 24.57
N ARG B 101 -2.89 22.93 25.09
CA ARG B 101 -3.44 23.50 26.33
C ARG B 101 -4.94 23.85 26.11
N LEU B 102 -5.33 24.39 24.97
CA LEU B 102 -6.71 24.73 24.66
C LEU B 102 -7.59 23.44 24.70
N LEU B 103 -7.01 22.24 24.43
CA LEU B 103 -7.80 21.03 24.32
C LEU B 103 -7.66 20.17 25.55
N GLY B 104 -6.98 20.69 26.53
CA GLY B 104 -6.83 20.04 27.84
C GLY B 104 -5.70 18.97 27.93
N VAL B 105 -4.78 19.05 26.99
CA VAL B 105 -3.66 18.08 26.91
C VAL B 105 -2.47 18.65 27.67
N LYS B 106 -1.94 17.85 28.61
CA LYS B 106 -0.84 18.31 29.50
C LYS B 106 0.51 17.60 29.25
N LYS B 107 0.56 16.63 28.31
CA LYS B 107 1.84 15.92 28.12
C LYS B 107 1.99 15.58 26.66
N ILE B 108 3.23 15.75 26.13
CA ILE B 108 3.56 15.42 24.73
C ILE B 108 4.91 14.74 24.79
N TYR B 109 4.92 13.55 24.23
CA TYR B 109 6.19 12.88 23.87
C TYR B 109 6.65 13.28 22.52
N TRP B 110 7.79 13.96 22.41
CA TRP B 110 8.33 14.35 21.04
C TRP B 110 9.31 13.30 20.70
N LEU B 111 9.12 12.57 19.58
CA LEU B 111 10.16 11.62 19.21
C LEU B 111 11.34 12.24 18.44
N ASN B 112 11.06 13.41 17.84
CA ASN B 112 12.07 14.27 17.17
C ASN B 112 12.66 13.70 15.90
N TYR B 113 11.99 12.77 15.26
CA TYR B 113 12.45 12.46 13.95
C TYR B 113 12.22 13.62 13.04
N ARG B 114 13.04 13.70 11.97
CA ARG B 114 12.93 14.89 11.06
C ARG B 114 11.75 14.75 10.14
N ASP B 115 10.91 15.76 10.10
CA ASP B 115 9.82 15.87 9.16
C ASP B 115 10.29 15.49 7.75
N THR B 116 9.50 14.65 7.09
CA THR B 116 9.71 13.99 5.79
C THR B 116 10.72 12.85 5.80
N GLU B 117 11.21 12.51 6.95
CA GLU B 117 12.30 11.52 7.11
C GLU B 117 11.92 10.50 8.27
N LEU B 118 10.63 10.39 8.63
CA LEU B 118 10.31 9.41 9.68
C LEU B 118 10.63 8.00 9.09
N PRO B 119 11.51 7.25 9.73
CA PRO B 119 11.78 5.89 9.26
C PRO B 119 10.60 4.93 9.46
N TYR B 120 10.61 3.88 8.65
CA TYR B 120 9.66 2.72 8.86
C TYR B 120 10.59 1.60 9.28
N SER B 121 10.68 1.39 10.58
CA SER B 121 11.71 0.51 11.08
C SER B 121 11.35 -0.06 12.45
N ARG B 122 12.08 -1.09 12.82
CA ARG B 122 12.02 -1.58 14.18
C ARG B 122 12.35 -0.54 15.25
N GLU B 123 13.35 0.28 14.92
CA GLU B 123 13.76 1.29 15.92
C GLU B 123 12.57 2.15 16.26
N VAL B 124 11.76 2.62 15.30
CA VAL B 124 10.70 3.56 15.61
C VAL B 124 9.61 2.77 16.41
N ARG B 125 9.34 1.50 16.06
CA ARG B 125 8.44 0.70 16.91
C ARG B 125 8.93 0.59 18.33
N LYS B 126 10.26 0.57 18.54
CA LYS B 126 10.75 0.47 19.89
C LYS B 126 10.45 1.74 20.65
N ASP B 127 10.60 2.89 19.98
CA ASP B 127 10.24 4.09 20.65
C ASP B 127 8.79 4.13 21.08
N LEU B 128 7.87 3.77 20.18
CA LEU B 128 6.43 3.73 20.54
C LEU B 128 6.15 2.70 21.66
N THR B 129 6.86 1.62 21.61
CA THR B 129 6.63 0.47 22.50
C THR B 129 7.05 0.94 23.91
N LYS B 130 8.18 1.65 24.00
CA LYS B 130 8.64 2.09 25.29
C LYS B 130 7.59 3.04 25.91
N ILE B 131 7.03 3.96 25.14
CA ILE B 131 5.96 4.81 25.68
C ILE B 131 4.69 4.01 26.09
N LEU B 132 4.27 3.09 25.20
CA LEU B 132 3.08 2.18 25.49
C LEU B 132 3.27 1.45 26.80
N ARG B 133 4.51 0.94 27.00
CA ARG B 133 4.78 0.15 28.22
C ARG B 133 4.85 1.04 29.43
N LYS B 134 5.38 2.26 29.33
CA LYS B 134 5.49 3.20 30.48
C LYS B 134 4.05 3.64 30.85
N GLU B 135 3.31 4.11 29.83
CA GLU B 135 2.01 4.80 30.09
C GLU B 135 0.83 3.83 30.21
N GLN B 136 0.95 2.64 29.64
CA GLN B 136 -0.16 1.68 29.65
C GLN B 136 -1.54 2.34 29.37
N PRO B 137 -1.72 3.02 28.24
CA PRO B 137 -2.99 3.63 27.94
C PRO B 137 -4.10 2.63 27.71
N ASP B 138 -5.33 3.11 27.84
CA ASP B 138 -6.53 2.31 27.57
C ASP B 138 -6.90 2.36 26.11
N GLY B 139 -6.40 3.37 25.37
CA GLY B 139 -6.65 3.40 23.95
C GLY B 139 -5.61 4.26 23.24
N VAL B 140 -5.51 3.97 21.95
CA VAL B 140 -4.50 4.69 21.09
C VAL B 140 -5.22 5.15 19.84
N PHE B 141 -4.91 6.40 19.42
CA PHE B 141 -5.44 6.99 18.16
C PHE B 141 -4.25 7.20 17.28
N ALA B 142 -4.44 6.92 15.98
CA ALA B 142 -3.38 7.16 14.98
C ALA B 142 -4.02 7.35 13.63
N PRO B 143 -3.29 7.89 12.61
CA PRO B 143 -3.90 7.95 11.30
C PRO B 143 -4.11 6.59 10.69
N ASP B 144 -5.14 6.48 9.85
CA ASP B 144 -5.38 5.27 9.02
C ASP B 144 -4.41 5.17 7.86
N PRO B 145 -3.46 4.24 7.94
CA PRO B 145 -2.47 4.23 6.86
C PRO B 145 -2.97 3.67 5.54
N TRP B 146 -4.25 3.26 5.53
CA TRP B 146 -4.83 2.79 4.27
C TRP B 146 -5.68 3.88 3.60
N LEU B 147 -5.55 5.14 4.03
CA LEU B 147 -6.31 6.25 3.41
C LEU B 147 -5.89 6.37 1.92
N PRO B 148 -6.87 6.32 1.02
CA PRO B 148 -6.45 6.33 -0.40
C PRO B 148 -5.81 7.69 -0.74
N TYR B 149 -4.77 7.63 -1.57
CA TYR B 149 -4.10 8.86 -2.11
C TYR B 149 -3.39 9.61 -1.04
N GLU B 150 -3.25 9.04 0.16
CA GLU B 150 -2.44 9.76 1.14
C GLU B 150 -0.96 9.69 0.68
N SER B 151 -0.46 10.87 0.34
N SER B 151 -0.44 10.86 0.28
CA SER B 151 0.81 10.98 -0.28
CA SER B 151 0.88 10.92 -0.29
C SER B 151 1.96 11.43 0.65
C SER B 151 2.00 11.35 0.67
N HIS B 152 1.68 11.58 1.96
CA HIS B 152 2.78 11.95 2.87
C HIS B 152 3.35 10.70 3.51
N PRO B 153 4.59 10.30 3.23
CA PRO B 153 5.13 9.10 3.87
C PRO B 153 5.08 9.15 5.40
N ASP B 154 5.28 10.33 6.01
CA ASP B 154 5.21 10.37 7.47
C ASP B 154 3.83 9.94 7.99
N HIS B 155 2.76 10.32 7.31
CA HIS B 155 1.39 9.83 7.66
C HIS B 155 1.24 8.34 7.48
N ARG B 156 1.53 7.80 6.32
CA ARG B 156 1.35 6.37 6.13
C ARG B 156 2.21 5.61 7.17
N ARG B 157 3.43 6.00 7.35
CA ARG B 157 4.34 5.19 8.24
C ARG B 157 3.85 5.39 9.72
N THR B 158 3.37 6.58 10.17
CA THR B 158 2.91 6.70 11.54
C THR B 158 1.75 5.67 11.76
N GLY B 159 0.81 5.60 10.83
CA GLY B 159 -0.35 4.70 11.00
C GLY B 159 0.17 3.28 11.09
N PHE B 160 0.97 2.82 10.13
CA PHE B 160 1.44 1.46 10.22
C PHE B 160 2.18 1.16 11.52
N LEU B 161 3.14 2.06 11.87
CA LEU B 161 3.94 1.79 13.08
C LEU B 161 3.13 1.88 14.35
N ALA B 162 2.08 2.70 14.40
CA ALA B 162 1.23 2.73 15.60
C ALA B 162 0.50 1.39 15.78
N ILE B 163 -0.05 0.88 14.68
CA ILE B 163 -0.87 -0.35 14.79
C ILE B 163 0.06 -1.51 15.14
N GLU B 164 1.22 -1.58 14.45
CA GLU B 164 2.25 -2.61 14.75
C GLU B 164 2.73 -2.51 16.17
N SER B 165 3.02 -1.31 16.69
CA SER B 165 3.56 -1.24 18.05
C SER B 165 2.52 -1.57 19.10
N VAL B 166 1.28 -1.17 18.91
CA VAL B 166 0.24 -1.59 19.88
C VAL B 166 0.23 -3.15 19.95
N ALA B 167 0.40 -3.85 18.84
CA ALA B 167 0.38 -5.35 18.93
C ALA B 167 1.68 -5.89 19.49
N PHE B 168 2.80 -5.36 19.00
CA PHE B 168 4.10 -6.04 19.36
C PHE B 168 4.57 -5.70 20.80
N SER B 169 4.15 -4.55 21.32
CA SER B 169 4.51 -4.11 22.69
C SER B 169 3.89 -5.02 23.70
N GLN B 170 2.93 -5.83 23.24
CA GLN B 170 2.39 -6.84 24.24
C GLN B 170 3.25 -8.10 24.31
N LEU B 171 4.27 -8.24 23.50
CA LEU B 171 5.03 -9.50 23.42
C LEU B 171 6.34 -9.35 24.17
N PRO B 172 6.62 -10.20 25.14
CA PRO B 172 7.78 -9.99 26.01
C PRO B 172 9.10 -10.18 25.32
N ASN B 173 9.17 -10.86 24.19
CA ASN B 173 10.43 -10.97 23.50
C ASN B 173 10.66 -9.83 22.52
N PHE B 174 9.64 -8.97 22.38
CA PHE B 174 9.84 -7.78 21.50
C PHE B 174 10.43 -6.65 22.32
N SER B 175 11.49 -6.04 21.81
CA SER B 175 12.17 -4.92 22.55
C SER B 175 12.43 -5.28 24.02
N ASN B 176 13.11 -6.41 24.24
CA ASN B 176 13.07 -7.02 25.55
C ASN B 176 13.81 -6.21 26.57
N THR B 177 14.71 -5.35 26.16
CA THR B 177 15.47 -4.53 27.16
C THR B 177 14.54 -3.63 27.97
N ASP B 178 13.39 -3.22 27.41
CA ASP B 178 12.37 -2.58 28.21
C ASP B 178 11.97 -3.38 29.46
N LEU B 179 11.70 -4.65 29.27
CA LEU B 179 11.32 -5.47 30.45
C LEU B 179 12.52 -5.61 31.37
N ASP B 180 13.73 -5.70 30.81
CA ASP B 180 14.96 -5.77 31.67
C ASP B 180 15.20 -4.56 32.57
N ILE B 181 14.69 -3.40 32.16
CA ILE B 181 14.81 -2.16 32.94
C ILE B 181 13.53 -1.87 33.82
N GLY B 182 12.56 -2.78 33.82
CA GLY B 182 11.46 -2.69 34.81
C GLY B 182 10.13 -2.34 34.20
N LEU B 183 10.02 -2.21 32.87
CA LEU B 183 8.69 -1.91 32.29
C LEU B 183 8.00 -3.25 32.06
N ASN B 184 6.65 -3.26 32.06
CA ASN B 184 5.86 -4.48 31.78
C ASN B 184 5.42 -4.43 30.34
N PRO B 185 5.09 -5.55 29.74
CA PRO B 185 4.45 -5.56 28.39
C PRO B 185 3.19 -4.71 28.40
N TYR B 186 2.90 -4.05 27.28
CA TYR B 186 1.63 -3.34 27.15
C TYR B 186 0.43 -4.26 27.43
N ASN B 187 -0.43 -3.74 28.32
CA ASN B 187 -1.67 -4.42 28.69
C ASN B 187 -2.62 -4.71 27.54
N SER B 188 -3.34 -5.81 27.70
CA SER B 188 -4.06 -6.37 26.59
C SER B 188 -5.48 -5.77 26.43
N GLY B 189 -5.97 -4.99 27.37
CA GLY B 189 -7.40 -4.53 27.15
C GLY B 189 -7.75 -3.42 26.13
N SER B 190 -6.80 -2.89 25.42
CA SER B 190 -7.04 -1.51 24.97
C SER B 190 -7.51 -1.33 23.50
N PHE B 191 -8.28 -0.25 23.17
CA PHE B 191 -8.71 -0.08 21.76
C PHE B 191 -7.66 0.66 20.94
N ILE B 192 -7.77 0.52 19.60
CA ILE B 192 -7.09 1.47 18.57
C ILE B 192 -8.26 2.17 17.86
N ALA B 193 -8.12 3.46 17.59
CA ALA B 193 -9.14 4.12 16.75
C ALA B 193 -8.34 4.89 15.69
N LEU B 194 -8.63 4.69 14.43
CA LEU B 194 -7.87 5.35 13.37
C LEU B 194 -8.62 6.60 12.87
N TYR B 195 -7.96 7.79 12.88
CA TYR B 195 -8.49 9.00 12.31
C TYR B 195 -7.89 9.25 10.96
N TYR B 196 -8.35 10.33 10.31
CA TYR B 196 -7.97 10.56 8.88
C TYR B 196 -8.34 9.32 8.06
N THR B 197 -9.62 8.95 8.17
CA THR B 197 -10.02 7.71 7.51
C THR B 197 -11.15 7.92 6.50
N HIS B 198 -11.10 7.10 5.41
CA HIS B 198 -12.15 7.12 4.42
C HIS B 198 -13.24 6.11 4.77
N LYS B 199 -12.97 5.29 5.79
CA LYS B 199 -13.99 4.25 6.17
C LYS B 199 -14.36 4.32 7.62
N PRO B 200 -14.82 5.50 8.08
CA PRO B 200 -15.13 5.55 9.52
C PRO B 200 -16.28 4.64 9.85
N ASN B 201 -16.27 4.11 11.06
CA ASN B 201 -17.48 3.42 11.54
C ASN B 201 -17.88 3.96 12.86
N TYR B 202 -17.27 5.06 13.26
CA TYR B 202 -17.69 5.65 14.50
C TYR B 202 -17.50 7.15 14.32
N ILE B 203 -18.53 7.98 14.64
CA ILE B 203 -18.38 9.41 14.42
C ILE B 203 -18.68 10.13 15.70
N VAL B 204 -17.83 11.10 16.04
CA VAL B 204 -18.03 11.94 17.20
C VAL B 204 -18.60 13.26 16.64
N ASP B 205 -19.71 13.68 17.20
CA ASP B 205 -20.33 14.96 16.79
C ASP B 205 -19.47 16.12 17.34
N ILE B 206 -18.92 16.94 16.44
CA ILE B 206 -18.14 18.12 16.89
C ILE B 206 -18.80 19.42 16.42
N THR B 207 -20.11 19.39 16.16
CA THR B 207 -20.79 20.61 15.69
C THR B 207 -20.58 21.78 16.66
N ASP B 208 -20.76 21.57 17.95
CA ASP B 208 -20.56 22.71 18.91
C ASP B 208 -19.10 23.14 18.97
N LEU B 209 -18.22 22.12 18.92
CA LEU B 209 -16.79 22.35 19.10
C LEU B 209 -16.08 22.85 17.86
N MET B 210 -16.74 22.95 16.72
CA MET B 210 -15.96 23.28 15.50
C MET B 210 -15.17 24.58 15.58
N GLU B 211 -15.74 25.66 16.15
CA GLU B 211 -14.94 26.89 16.21
C GLU B 211 -13.73 26.72 17.13
N LEU B 212 -13.87 25.95 18.26
CA LEU B 212 -12.72 25.74 19.14
C LEU B 212 -11.65 24.95 18.34
N LYS B 213 -12.09 23.90 17.60
CA LYS B 213 -11.14 23.14 16.82
C LYS B 213 -10.34 24.08 15.82
N LEU B 214 -11.09 24.91 15.06
CA LEU B 214 -10.45 25.75 14.05
C LEU B 214 -9.55 26.68 14.79
N LYS B 215 -9.96 27.20 15.96
CA LYS B 215 -9.03 28.08 16.62
C LYS B 215 -7.71 27.38 17.01
N ALA B 216 -7.86 26.21 17.61
CA ALA B 216 -6.71 25.43 18.05
C ALA B 216 -5.84 24.95 16.90
N ILE B 217 -6.41 24.81 15.70
CA ILE B 217 -5.61 24.51 14.52
C ILE B 217 -4.81 25.76 14.10
N ARG B 218 -5.51 26.89 14.02
CA ARG B 218 -4.85 28.16 13.64
C ARG B 218 -3.79 28.66 14.62
N VAL B 219 -3.76 28.19 15.88
CA VAL B 219 -2.64 28.51 16.79
C VAL B 219 -1.29 28.04 16.18
N HIS B 220 -1.35 27.03 15.28
CA HIS B 220 -0.17 26.58 14.49
C HIS B 220 0.02 27.61 13.40
N ARG B 221 0.38 28.85 13.81
CA ARG B 221 0.37 29.96 12.84
C ARG B 221 1.36 29.79 11.72
N SER B 222 2.51 29.20 12.00
CA SER B 222 3.51 29.02 11.00
C SER B 222 2.95 28.21 9.85
N GLN B 223 1.94 27.42 10.13
CA GLN B 223 1.39 26.52 9.10
C GLN B 223 0.21 27.16 8.35
N PHE B 224 -0.46 28.13 9.00
CA PHE B 224 -1.72 28.66 8.49
C PHE B 224 -1.76 30.18 8.42
N PRO B 225 -0.85 30.77 7.61
CA PRO B 225 -1.05 32.24 7.36
C PRO B 225 -2.33 32.41 6.50
N ASP B 226 -2.72 33.67 6.30
CA ASP B 226 -4.07 33.90 5.76
C ASP B 226 -4.27 33.30 4.41
N ASP B 227 -3.31 33.39 3.52
N ASP B 227 -3.25 33.38 3.58
CA ASP B 227 -3.54 32.83 2.20
CA ASP B 227 -3.26 32.87 2.22
C ASP B 227 -3.77 31.34 2.26
C ASP B 227 -3.37 31.34 2.07
N ILE B 228 -3.05 30.64 3.14
CA ILE B 228 -3.20 29.17 3.22
C ILE B 228 -4.58 28.86 3.87
N TRP B 229 -4.91 29.63 4.90
CA TRP B 229 -6.20 29.43 5.59
C TRP B 229 -7.41 29.66 4.71
N GLU B 230 -7.29 30.56 3.72
CA GLU B 230 -8.37 30.75 2.74
C GLU B 230 -8.80 29.44 2.04
N LYS B 231 -7.84 28.48 1.87
CA LYS B 231 -8.14 27.19 1.27
C LYS B 231 -8.41 26.23 2.42
N TRP B 232 -7.62 26.30 3.51
CA TRP B 232 -7.74 25.20 4.55
C TRP B 232 -8.97 25.28 5.37
N GLU B 233 -9.50 26.47 5.66
N GLU B 233 -9.49 26.47 5.64
CA GLU B 233 -10.72 26.55 6.49
CA GLU B 233 -10.68 26.56 6.48
C GLU B 233 -11.91 25.85 5.80
C GLU B 233 -11.90 25.89 5.81
N PRO B 234 -12.18 26.18 4.51
CA PRO B 234 -13.29 25.49 3.73
C PRO B 234 -12.96 23.99 3.62
N PHE B 235 -11.70 23.63 3.54
CA PHE B 235 -11.35 22.19 3.36
C PHE B 235 -11.64 21.46 4.64
N LEU B 236 -11.24 22.06 5.74
CA LEU B 236 -11.44 21.34 7.05
C LEU B 236 -12.94 21.32 7.38
N ARG B 237 -13.69 22.39 7.07
CA ARG B 237 -15.16 22.35 7.27
C ARG B 237 -15.80 21.24 6.41
N THR B 238 -15.38 21.12 5.18
CA THR B 238 -15.97 20.12 4.26
C THR B 238 -15.68 18.75 4.80
N ILE B 239 -14.45 18.51 5.26
CA ILE B 239 -14.12 17.17 5.82
C ILE B 239 -15.02 16.95 7.03
N ALA B 240 -15.14 17.94 7.92
CA ALA B 240 -16.00 17.69 9.04
C ALA B 240 -17.45 17.43 8.65
N MET B 241 -17.93 18.07 7.56
CA MET B 241 -19.29 17.79 7.14
C MET B 241 -19.42 16.40 6.55
N PHE B 242 -18.39 15.89 5.85
CA PHE B 242 -18.41 14.51 5.36
C PHE B 242 -18.66 13.53 6.50
N TYR B 243 -17.97 13.76 7.63
CA TYR B 243 -18.14 12.82 8.75
C TYR B 243 -19.46 13.08 9.45
N GLY B 244 -19.78 14.36 9.73
CA GLY B 244 -21.00 14.69 10.43
C GLY B 244 -22.29 14.13 9.83
N GLU B 245 -22.36 14.17 8.50
CA GLU B 245 -23.57 13.84 7.78
C GLU B 245 -23.88 12.41 8.14
N LYS B 246 -22.85 11.56 8.29
CA LYS B 246 -23.04 10.15 8.66
C LYS B 246 -23.81 9.85 9.94
N ILE B 247 -23.90 10.81 10.83
CA ILE B 247 -24.76 10.64 12.03
C ILE B 247 -25.81 11.79 12.16
N GLY B 248 -26.00 12.48 11.03
CA GLY B 248 -27.04 13.49 10.98
C GLY B 248 -26.72 14.77 11.68
N VAL B 249 -25.43 15.13 11.74
CA VAL B 249 -25.03 16.39 12.40
C VAL B 249 -24.18 17.19 11.44
N ARG B 250 -24.01 18.44 11.78
CA ARG B 250 -23.35 19.30 10.81
C ARG B 250 -21.85 18.98 10.67
N TYR B 251 -21.15 18.84 11.76
CA TYR B 251 -19.69 18.57 11.71
C TYR B 251 -19.36 17.40 12.65
N GLY B 252 -18.51 16.52 12.14
CA GLY B 252 -18.10 15.31 12.96
C GLY B 252 -16.61 15.03 12.74
N GLU B 253 -16.09 14.18 13.60
CA GLU B 253 -14.76 13.51 13.38
C GLU B 253 -15.00 12.02 13.24
N GLY B 254 -14.39 11.44 12.24
CA GLY B 254 -14.66 9.99 11.95
C GLY B 254 -13.49 9.12 12.39
N PHE B 255 -13.80 7.93 12.95
CA PHE B 255 -12.76 6.99 13.36
C PHE B 255 -13.08 5.62 12.79
N ARG B 256 -12.06 4.86 12.53
CA ARG B 256 -12.28 3.47 12.19
C ARG B 256 -11.79 2.65 13.37
N ILE B 257 -12.72 1.82 13.90
CA ILE B 257 -12.44 0.98 15.07
C ILE B 257 -12.80 -0.47 14.63
N MET B 258 -11.93 -1.44 14.95
CA MET B 258 -12.19 -2.90 14.53
C MET B 258 -11.72 -3.74 15.72
N PRO B 259 -12.27 -4.97 15.91
CA PRO B 259 -11.63 -5.84 16.93
C PRO B 259 -10.18 -6.12 16.53
N GLY B 260 -9.34 -6.41 17.52
CA GLY B 260 -7.91 -6.67 17.23
C GLY B 260 -7.73 -7.70 16.16
N LEU B 261 -8.53 -8.81 16.19
CA LEU B 261 -8.25 -9.82 15.21
C LEU B 261 -8.41 -9.39 13.72
N PHE B 262 -9.22 -8.35 13.47
CA PHE B 262 -9.52 -7.95 12.11
C PHE B 262 -8.38 -7.23 11.46
N TYR B 263 -7.34 -6.95 12.23
CA TYR B 263 -6.15 -6.34 11.64
C TYR B 263 -5.16 -7.35 11.13
N HIS B 264 -5.64 -8.59 10.99
CA HIS B 264 -4.80 -9.63 10.47
C HIS B 264 -5.63 -10.73 9.84
N ILE B 265 -5.17 -11.11 8.65
CA ILE B 265 -5.70 -12.24 7.82
C ILE B 265 -7.20 -12.20 7.60
N THR B 266 -7.86 -11.04 7.71
CA THR B 266 -9.34 -11.08 7.75
C THR B 266 -9.91 -10.57 6.42
N PRO B 267 -10.71 -11.37 5.71
CA PRO B 267 -11.13 -11.03 4.38
C PRO B 267 -12.47 -10.29 4.39
N PHE B 268 -13.00 -9.97 5.56
CA PHE B 268 -14.35 -9.34 5.60
C PHE B 268 -14.34 -8.05 6.47
N THR B 269 -13.20 -7.33 6.42
CA THR B 269 -13.09 -6.11 7.24
C THR B 269 -14.04 -5.06 6.71
N ASP B 270 -14.40 -5.16 5.44
CA ASP B 270 -15.37 -4.14 4.89
C ASP B 270 -16.80 -4.31 5.35
N LEU B 271 -17.07 -5.33 6.17
CA LEU B 271 -18.38 -5.57 6.71
C LEU B 271 -18.52 -4.86 8.01
N ILE B 272 -17.48 -4.12 8.40
CA ILE B 272 -17.69 -3.19 9.51
C ILE B 272 -17.11 -1.84 9.16
N PHE C 6 -17.78 29.51 4.69
CA PHE C 6 -18.42 28.17 4.47
C PHE C 6 -19.38 27.84 5.61
N GLU C 7 -19.26 28.58 6.70
CA GLU C 7 -19.96 28.23 7.93
C GLU C 7 -21.49 28.25 7.74
N ASP C 8 -21.97 28.73 6.59
CA ASP C 8 -23.42 28.79 6.29
C ASP C 8 -23.97 27.79 5.23
N ILE C 9 -23.10 26.95 4.70
CA ILE C 9 -23.58 25.97 3.73
C ILE C 9 -24.27 24.86 4.44
N ASP C 10 -25.37 24.36 3.88
CA ASP C 10 -26.25 23.47 4.61
C ASP C 10 -25.82 21.99 4.64
N THR C 11 -25.30 21.45 3.54
CA THR C 11 -25.05 20.00 3.41
C THR C 11 -23.60 19.77 2.98
N PHE C 12 -23.11 18.59 3.30
CA PHE C 12 -21.82 18.11 2.80
C PHE C 12 -21.80 18.18 1.29
N GLU C 13 -22.87 17.70 0.64
CA GLU C 13 -22.82 17.71 -0.85
C GLU C 13 -22.63 19.15 -1.38
N GLU C 14 -23.32 20.14 -0.82
CA GLU C 14 -23.11 21.53 -1.18
C GLU C 14 -21.72 22.02 -0.89
N ALA C 15 -21.18 21.71 0.28
CA ALA C 15 -19.81 22.11 0.64
C ALA C 15 -18.78 21.51 -0.27
N PHE C 16 -18.94 20.22 -0.59
CA PHE C 16 -17.97 19.56 -1.48
C PHE C 16 -17.90 20.27 -2.85
N ASN C 17 -19.09 20.54 -3.41
CA ASN C 17 -19.08 21.23 -4.71
C ASN C 17 -18.52 22.63 -4.66
N LYS C 18 -18.80 23.42 -3.61
CA LYS C 18 -18.24 24.73 -3.46
C LYS C 18 -16.70 24.69 -3.26
N LEU C 19 -16.25 23.80 -2.38
CA LEU C 19 -14.83 23.57 -2.21
C LEU C 19 -14.14 23.21 -3.50
N LEU C 20 -14.66 22.27 -4.23
CA LEU C 20 -13.94 21.76 -5.42
C LEU C 20 -13.94 22.82 -6.47
N ARG C 21 -15.07 23.51 -6.68
CA ARG C 21 -15.16 24.44 -7.85
C ARG C 21 -14.77 25.83 -7.53
N GLU C 22 -15.24 26.37 -6.43
CA GLU C 22 -14.97 27.76 -6.11
C GLU C 22 -13.67 27.97 -5.35
N VAL C 23 -13.44 27.21 -4.27
CA VAL C 23 -12.28 27.39 -3.43
C VAL C 23 -11.04 26.85 -4.12
N LEU C 24 -11.11 25.65 -4.70
CA LEU C 24 -9.90 25.04 -5.27
C LEU C 24 -9.81 25.29 -6.78
N GLU C 25 -10.88 25.87 -7.35
CA GLU C 25 -10.85 26.20 -8.78
C GLU C 25 -10.55 24.99 -9.64
N PHE C 26 -11.16 23.85 -9.31
CA PHE C 26 -10.74 22.65 -9.98
C PHE C 26 -11.71 22.34 -11.12
N ASP C 27 -11.17 22.01 -12.30
CA ASP C 27 -12.02 21.44 -13.33
C ASP C 27 -11.11 20.72 -14.30
N LEU C 28 -11.67 19.77 -15.02
CA LEU C 28 -10.85 18.94 -15.87
C LEU C 28 -11.25 19.12 -17.34
N GLN C 29 -11.76 20.30 -17.63
CA GLN C 29 -12.14 20.66 -19.01
C GLN C 29 -10.89 20.58 -19.87
N ASN C 30 -9.78 21.23 -19.46
CA ASN C 30 -8.63 21.23 -20.38
C ASN C 30 -7.35 21.34 -19.57
N PRO C 31 -7.04 20.33 -18.74
CA PRO C 31 -6.06 20.58 -17.68
C PRO C 31 -4.65 20.89 -18.14
N PHE C 32 -4.30 20.51 -19.37
CA PHE C 32 -2.90 20.74 -19.82
C PHE C 32 -2.76 22.05 -20.63
N LYS C 33 -3.85 22.83 -20.71
CA LYS C 33 -4.01 23.95 -21.68
C LYS C 33 -2.85 24.93 -21.71
N ASP C 34 -2.39 25.33 -20.55
CA ASP C 34 -1.42 26.42 -20.59
C ASP C 34 0.04 25.95 -20.55
N ALA C 35 0.24 24.63 -20.55
CA ALA C 35 1.57 24.10 -20.21
C ALA C 35 2.60 24.48 -21.26
N LYS C 36 3.79 24.88 -20.82
CA LYS C 36 4.92 25.11 -21.72
C LYS C 36 5.99 24.06 -21.63
N LYS C 37 6.12 23.44 -20.44
CA LYS C 37 7.22 22.47 -20.23
C LYS C 37 6.65 21.44 -19.26
N VAL C 38 6.77 20.15 -19.56
CA VAL C 38 6.29 19.10 -18.60
C VAL C 38 7.38 18.08 -18.40
N LEU C 39 7.40 17.40 -17.24
CA LEU C 39 8.29 16.25 -17.10
C LEU C 39 7.45 15.01 -17.16
N CYS C 40 7.94 14.01 -17.87
N CYS C 40 7.81 14.03 -18.00
CA CYS C 40 7.24 12.73 -17.90
CA CYS C 40 7.20 12.65 -17.91
C CYS C 40 8.17 11.75 -17.18
C CYS C 40 8.19 11.81 -17.12
N ILE C 41 7.79 11.27 -15.96
CA ILE C 41 8.73 10.50 -15.16
C ILE C 41 8.34 9.02 -15.33
N GLU C 42 9.33 8.24 -15.76
CA GLU C 42 9.06 6.83 -16.12
C GLU C 42 9.97 5.94 -15.26
N PRO C 43 9.43 4.79 -14.79
CA PRO C 43 10.30 3.82 -14.05
C PRO C 43 11.40 3.19 -14.87
N HIS C 44 11.00 2.77 -16.09
CA HIS C 44 11.96 2.14 -17.00
C HIS C 44 11.93 2.78 -18.40
N PRO C 45 12.98 2.48 -19.18
CA PRO C 45 12.92 2.97 -20.60
C PRO C 45 11.71 2.20 -21.25
N ASP C 46 10.74 2.96 -21.72
CA ASP C 46 9.53 2.51 -22.42
C ASP C 46 8.28 2.86 -21.72
N ASP C 47 8.33 3.27 -20.43
CA ASP C 47 7.11 3.46 -19.75
C ASP C 47 6.33 4.73 -20.21
N CYS C 48 7.10 5.82 -20.52
CA CYS C 48 6.41 7.03 -20.98
C CYS C 48 5.62 6.74 -22.24
N VAL C 49 6.28 6.02 -23.19
CA VAL C 49 5.58 5.78 -24.48
C VAL C 49 4.43 4.79 -24.31
N ILE C 50 4.61 3.73 -23.49
CA ILE C 50 3.51 2.81 -23.29
C ILE C 50 2.32 3.43 -22.56
N GLY C 51 2.60 4.24 -21.53
CA GLY C 51 1.55 4.83 -20.67
C GLY C 51 0.87 6.02 -21.32
N MET C 52 1.71 6.81 -22.01
CA MET C 52 1.17 8.14 -22.47
C MET C 52 1.79 8.63 -23.73
N GLY C 53 2.23 7.69 -24.56
CA GLY C 53 2.87 8.07 -25.84
C GLY C 53 2.03 9.00 -26.73
N GLY C 54 0.77 8.67 -26.89
CA GLY C 54 -0.13 9.49 -27.68
C GLY C 54 -0.18 10.93 -27.12
N THR C 55 -0.38 11.06 -25.79
CA THR C 55 -0.52 12.34 -25.25
C THR C 55 0.82 13.12 -25.41
N ILE C 56 1.96 12.44 -25.22
CA ILE C 56 3.26 13.08 -25.39
C ILE C 56 3.33 13.74 -26.81
N LYS C 57 2.94 12.97 -27.83
CA LYS C 57 2.99 13.49 -29.21
C LYS C 57 2.04 14.73 -29.31
N LYS C 58 0.86 14.65 -28.74
CA LYS C 58 -0.10 15.77 -28.82
C LYS C 58 0.49 16.96 -28.09
N LEU C 59 1.11 16.71 -26.93
CA LEU C 59 1.76 17.86 -26.23
C LEU C 59 2.86 18.50 -27.11
N SER C 60 3.71 17.68 -27.75
CA SER C 60 4.79 18.22 -28.61
C SER C 60 4.12 19.06 -29.76
N ASP C 61 3.06 18.51 -30.33
CA ASP C 61 2.30 19.19 -31.41
C ASP C 61 1.71 20.49 -30.97
N MET C 62 1.36 20.61 -29.69
CA MET C 62 0.90 21.90 -29.24
C MET C 62 2.03 22.90 -28.83
N GLY C 63 3.27 22.52 -29.05
CA GLY C 63 4.46 23.32 -28.72
C GLY C 63 4.87 23.26 -27.24
N VAL C 64 4.43 22.24 -26.52
CA VAL C 64 4.95 22.01 -25.17
C VAL C 64 6.27 21.27 -25.22
N GLU C 65 7.24 21.68 -24.40
CA GLU C 65 8.51 21.00 -24.30
C GLU C 65 8.33 19.82 -23.29
N VAL C 66 8.40 18.60 -23.81
CA VAL C 66 8.28 17.35 -22.98
C VAL C 66 9.69 16.85 -22.67
N ILE C 67 10.00 16.62 -21.41
CA ILE C 67 11.30 16.13 -20.97
C ILE C 67 11.06 14.84 -20.16
N TYR C 68 11.82 13.79 -20.48
CA TYR C 68 11.65 12.52 -19.69
C TYR C 68 12.57 12.61 -18.52
N VAL C 69 12.16 11.91 -17.41
CA VAL C 69 13.12 11.52 -16.38
C VAL C 69 12.91 10.04 -16.27
N CYS C 70 14.02 9.32 -16.46
CA CYS C 70 13.90 7.84 -16.44
C CYS C 70 14.61 7.37 -15.21
N MET C 71 13.87 6.68 -14.31
CA MET C 71 14.43 6.42 -13.00
C MET C 71 15.51 5.35 -13.02
N THR C 72 15.32 4.32 -13.88
CA THR C 72 16.25 3.17 -13.91
C THR C 72 16.76 2.94 -15.32
N ASP C 73 17.72 2.06 -15.36
CA ASP C 73 18.45 1.70 -16.57
C ASP C 73 17.85 0.54 -17.35
N GLY C 74 16.83 -0.15 -16.86
CA GLY C 74 16.32 -1.32 -17.61
C GLY C 74 17.26 -2.52 -17.69
N TYR C 75 18.27 -2.57 -16.81
CA TYR C 75 19.33 -3.60 -16.82
C TYR C 75 18.77 -5.07 -16.80
N MET C 76 17.64 -5.31 -16.14
CA MET C 76 17.20 -6.68 -15.94
C MET C 76 16.31 -7.18 -17.04
N GLY C 77 15.94 -6.35 -18.01
CA GLY C 77 14.76 -6.67 -18.85
C GLY C 77 15.10 -7.51 -20.08
N THR C 78 15.62 -8.70 -19.85
CA THR C 78 15.87 -9.64 -20.95
C THR C 78 15.85 -11.06 -20.41
N THR C 79 15.43 -12.02 -21.25
CA THR C 79 15.71 -13.42 -20.93
C THR C 79 16.83 -14.03 -21.74
N ASP C 80 17.50 -13.21 -22.55
CA ASP C 80 18.71 -13.69 -23.25
C ASP C 80 19.90 -13.87 -22.34
N GLU C 81 20.33 -15.11 -22.09
CA GLU C 81 21.50 -15.40 -21.25
C GLU C 81 22.86 -14.92 -21.74
N SER C 82 22.98 -14.57 -23.03
CA SER C 82 24.22 -14.01 -23.56
C SER C 82 24.29 -12.48 -23.50
N LEU C 83 23.22 -11.81 -23.05
CA LEU C 83 23.21 -10.34 -22.98
C LEU C 83 23.29 -9.87 -21.53
N SER C 84 24.39 -9.21 -21.20
CA SER C 84 24.55 -8.80 -19.79
C SER C 84 23.60 -7.61 -19.53
N GLY C 85 23.43 -7.30 -18.25
CA GLY C 85 22.61 -6.10 -17.92
C GLY C 85 23.26 -4.80 -18.45
N HIS C 86 24.60 -4.72 -18.39
CA HIS C 86 25.33 -3.55 -18.87
C HIS C 86 25.07 -3.38 -20.33
N GLU C 87 25.12 -4.48 -21.07
CA GLU C 87 24.92 -4.35 -22.52
C GLU C 87 23.48 -4.01 -22.83
N LEU C 88 22.50 -4.54 -22.07
CA LEU C 88 21.12 -4.24 -22.29
C LEU C 88 20.84 -2.76 -21.99
N ALA C 89 21.43 -2.29 -20.91
CA ALA C 89 21.17 -0.88 -20.49
C ALA C 89 21.68 0.02 -21.60
N ALA C 90 22.81 -0.32 -22.22
CA ALA C 90 23.35 0.57 -23.31
C ALA C 90 22.44 0.51 -24.55
N ILE C 91 21.89 -0.66 -24.85
CA ILE C 91 20.95 -0.84 -25.95
C ILE C 91 19.66 -0.08 -25.70
N ARG C 92 19.15 -0.17 -24.46
CA ARG C 92 17.86 0.47 -24.17
C ARG C 92 17.98 2.03 -24.13
N ARG C 93 19.15 2.55 -23.79
CA ARG C 93 19.34 4.04 -23.90
C ARG C 93 19.08 4.46 -25.37
N LYS C 94 19.65 3.71 -26.30
CA LYS C 94 19.42 4.02 -27.74
C LYS C 94 17.98 3.81 -28.24
N GLU C 95 17.28 2.73 -27.76
CA GLU C 95 15.92 2.48 -28.06
C GLU C 95 15.08 3.69 -27.58
N GLU C 96 15.30 4.15 -26.35
CA GLU C 96 14.50 5.22 -25.82
C GLU C 96 14.78 6.54 -26.64
N GLU C 97 16.04 6.82 -26.92
CA GLU C 97 16.32 7.98 -27.81
C GLU C 97 15.56 7.96 -29.12
N GLU C 98 15.53 6.79 -29.75
CA GLU C 98 14.82 6.66 -31.00
C GLU C 98 13.28 6.77 -30.82
N SER C 99 12.74 6.14 -29.76
CA SER C 99 11.33 6.25 -29.44
C SER C 99 10.93 7.73 -29.13
N ALA C 100 11.77 8.43 -28.36
CA ALA C 100 11.51 9.81 -27.99
C ALA C 100 11.51 10.76 -29.21
N ARG C 101 12.43 10.54 -30.14
CA ARG C 101 12.52 11.38 -31.42
C ARG C 101 11.14 11.34 -32.14
N LEU C 102 10.52 10.16 -32.21
CA LEU C 102 9.21 9.97 -32.83
C LEU C 102 8.11 10.79 -32.19
N LEU C 103 8.27 11.07 -30.90
CA LEU C 103 7.25 11.76 -30.13
C LEU C 103 7.57 13.24 -29.88
N GLY C 104 8.71 13.72 -30.39
CA GLY C 104 9.11 15.11 -30.26
C GLY C 104 9.88 15.46 -29.01
N VAL C 105 10.29 14.44 -28.25
CA VAL C 105 11.02 14.64 -27.02
C VAL C 105 12.49 14.82 -27.30
N LYS C 106 13.06 15.89 -26.77
CA LYS C 106 14.47 16.23 -27.06
C LYS C 106 15.42 16.10 -25.90
N LYS C 107 14.92 15.75 -24.70
CA LYS C 107 15.79 15.80 -23.52
C LYS C 107 15.30 14.64 -22.57
N ILE C 108 16.28 13.85 -22.12
CA ILE C 108 15.99 12.78 -21.14
C ILE C 108 17.03 12.87 -20.06
N TYR C 109 16.59 12.89 -18.80
CA TYR C 109 17.43 12.75 -17.61
C TYR C 109 17.41 11.29 -17.22
N TRP C 110 18.59 10.71 -17.26
CA TRP C 110 18.77 9.32 -16.81
C TRP C 110 19.25 9.36 -15.41
N LEU C 111 18.47 8.78 -14.49
CA LEU C 111 18.96 8.74 -13.08
C LEU C 111 19.93 7.57 -12.81
N ASN C 112 19.83 6.52 -13.65
CA ASN C 112 20.78 5.42 -13.57
C ASN C 112 20.64 4.48 -12.38
N TYR C 113 19.53 4.54 -11.67
CA TYR C 113 19.28 3.46 -10.71
C TYR C 113 19.16 2.14 -11.48
N ARG C 114 19.63 1.06 -10.86
CA ARG C 114 19.41 -0.26 -11.47
C ARG C 114 18.00 -0.68 -11.39
N ASP C 115 17.51 -1.19 -12.55
CA ASP C 115 16.23 -1.86 -12.73
C ASP C 115 16.08 -2.94 -11.63
N THR C 116 14.93 -2.88 -10.98
CA THR C 116 14.51 -3.75 -9.83
C THR C 116 15.13 -3.32 -8.51
N GLU C 117 15.91 -2.25 -8.55
CA GLU C 117 16.62 -1.77 -7.39
C GLU C 117 16.35 -0.29 -7.14
N LEU C 118 15.29 0.26 -7.69
CA LEU C 118 15.12 1.74 -7.45
C LEU C 118 14.87 1.86 -5.94
N PRO C 119 15.66 2.74 -5.24
CA PRO C 119 15.42 2.88 -3.79
C PRO C 119 14.19 3.72 -3.50
N TYR C 120 13.66 3.55 -2.31
CA TYR C 120 12.59 4.44 -1.86
C TYR C 120 13.15 5.23 -0.71
N SER C 121 13.71 6.43 -1.02
CA SER C 121 14.54 7.09 -0.04
C SER C 121 14.55 8.60 -0.35
N ARG C 122 15.01 9.37 0.70
CA ARG C 122 15.29 10.82 0.55
C ARG C 122 16.24 11.04 -0.63
N GLU C 123 17.27 10.20 -0.77
CA GLU C 123 18.24 10.39 -1.83
C GLU C 123 17.56 10.49 -3.20
N VAL C 124 16.59 9.62 -3.48
CA VAL C 124 15.97 9.65 -4.77
C VAL C 124 15.06 10.88 -4.88
N ARG C 125 14.39 11.30 -3.80
CA ARG C 125 13.57 12.52 -3.87
C ARG C 125 14.53 13.70 -4.19
N LYS C 126 15.72 13.67 -3.66
CA LYS C 126 16.70 14.83 -3.93
C LYS C 126 17.07 14.84 -5.38
N ASP C 127 17.23 13.67 -6.02
CA ASP C 127 17.54 13.73 -7.45
C ASP C 127 16.39 14.33 -8.21
N LEU C 128 15.14 13.88 -7.99
CA LEU C 128 13.95 14.44 -8.68
C LEU C 128 13.85 15.98 -8.37
N THR C 129 14.08 16.33 -7.11
CA THR C 129 14.00 17.74 -6.65
C THR C 129 15.03 18.63 -7.36
N LYS C 130 16.24 18.13 -7.65
CA LYS C 130 17.25 18.98 -8.36
C LYS C 130 16.72 19.23 -9.77
N ILE C 131 16.14 18.21 -10.41
CA ILE C 131 15.59 18.41 -11.77
C ILE C 131 14.38 19.34 -11.76
N LEU C 132 13.44 19.14 -10.80
CA LEU C 132 12.25 20.05 -10.71
C LEU C 132 12.74 21.50 -10.56
N ARG C 133 13.70 21.66 -9.68
CA ARG C 133 14.16 23.03 -9.32
C ARG C 133 14.90 23.59 -10.56
N LYS C 134 15.64 22.78 -11.32
CA LYS C 134 16.40 23.33 -12.50
C LYS C 134 15.42 23.65 -13.65
N GLU C 135 14.56 22.72 -13.98
CA GLU C 135 13.65 22.88 -15.09
C GLU C 135 12.39 23.67 -14.84
N GLN C 136 11.94 23.73 -13.59
CA GLN C 136 10.67 24.45 -13.28
C GLN C 136 9.50 24.13 -14.21
N PRO C 137 9.17 22.81 -14.43
CA PRO C 137 8.06 22.45 -15.30
C PRO C 137 6.74 23.02 -14.81
N ASP C 138 5.77 23.13 -15.73
CA ASP C 138 4.41 23.48 -15.38
C ASP C 138 3.59 22.27 -15.02
N GLY C 139 4.07 21.10 -15.37
CA GLY C 139 3.29 19.87 -15.04
C GLY C 139 4.23 18.65 -15.00
N VAL C 140 3.82 17.62 -14.19
CA VAL C 140 4.61 16.45 -14.03
C VAL C 140 3.64 15.24 -14.20
N PHE C 141 4.07 14.28 -15.04
CA PHE C 141 3.34 12.99 -15.19
C PHE C 141 4.15 11.89 -14.55
N ALA C 142 3.42 10.97 -13.85
CA ALA C 142 4.12 9.79 -13.26
C ALA C 142 3.09 8.68 -13.09
N PRO C 143 3.55 7.43 -12.82
CA PRO C 143 2.58 6.30 -12.59
C PRO C 143 1.78 6.51 -11.33
N ASP C 144 0.50 6.05 -11.31
CA ASP C 144 -0.34 6.11 -10.13
C ASP C 144 0.14 4.98 -9.19
N PRO C 145 0.67 5.31 -8.04
CA PRO C 145 1.32 4.24 -7.22
C PRO C 145 0.23 3.50 -6.45
N TRP C 146 -1.01 3.92 -6.58
CA TRP C 146 -2.15 3.15 -6.00
C TRP C 146 -2.78 2.21 -6.98
N LEU C 147 -2.18 1.96 -8.14
CA LEU C 147 -2.81 1.06 -9.09
C LEU C 147 -2.97 -0.33 -8.44
N PRO C 148 -4.20 -0.87 -8.38
CA PRO C 148 -4.30 -2.20 -7.79
C PRO C 148 -3.45 -3.30 -8.43
N TYR C 149 -2.86 -4.18 -7.60
CA TYR C 149 -2.08 -5.30 -8.09
C TYR C 149 -0.87 -4.98 -8.86
N GLU C 150 -0.44 -3.66 -8.85
CA GLU C 150 0.86 -3.32 -9.48
C GLU C 150 1.97 -3.98 -8.65
N SER C 151 2.64 -4.96 -9.23
CA SER C 151 3.63 -5.74 -8.54
C SER C 151 5.05 -5.34 -8.72
N HIS C 152 5.33 -4.29 -9.55
CA HIS C 152 6.68 -3.97 -9.79
C HIS C 152 7.07 -2.81 -8.81
N PRO C 153 8.04 -3.08 -7.91
CA PRO C 153 8.40 -2.05 -6.91
C PRO C 153 8.98 -0.75 -7.58
N ASP C 154 9.63 -0.89 -8.73
CA ASP C 154 10.12 0.34 -9.40
C ASP C 154 8.93 1.24 -9.82
N HIS C 155 7.80 0.65 -10.25
CA HIS C 155 6.61 1.44 -10.59
C HIS C 155 5.96 2.09 -9.42
N ARG C 156 5.71 1.34 -8.34
CA ARG C 156 5.10 1.98 -7.12
C ARG C 156 6.05 3.06 -6.64
N ARG C 157 7.32 2.77 -6.51
CA ARG C 157 8.24 3.76 -5.86
C ARG C 157 8.31 4.98 -6.78
N THR C 158 8.34 4.80 -8.12
CA THR C 158 8.44 6.02 -8.99
C THR C 158 7.24 6.91 -8.72
N GLY C 159 6.00 6.36 -8.64
CA GLY C 159 4.83 7.15 -8.46
C GLY C 159 4.87 7.85 -7.09
N PHE C 160 5.20 7.12 -5.99
CA PHE C 160 5.19 7.78 -4.68
C PHE C 160 6.29 8.93 -4.65
N LEU C 161 7.48 8.62 -5.17
CA LEU C 161 8.64 9.56 -5.08
C LEU C 161 8.34 10.73 -5.97
N ALA C 162 7.62 10.52 -7.07
CA ALA C 162 7.27 11.70 -7.95
C ALA C 162 6.32 12.68 -7.22
N ILE C 163 5.27 12.18 -6.60
CA ILE C 163 4.31 13.02 -5.92
C ILE C 163 5.01 13.68 -4.76
N GLU C 164 5.82 12.91 -4.05
CA GLU C 164 6.47 13.47 -2.85
C GLU C 164 7.40 14.59 -3.28
N SER C 165 8.14 14.32 -4.33
CA SER C 165 9.19 15.29 -4.69
C SER C 165 8.51 16.56 -5.26
N VAL C 166 7.40 16.45 -5.93
CA VAL C 166 6.69 17.68 -6.41
C VAL C 166 6.36 18.57 -5.22
N ALA C 167 5.90 17.94 -4.13
CA ALA C 167 5.52 18.74 -2.91
C ALA C 167 6.81 19.24 -2.30
N PHE C 168 7.73 18.32 -1.96
CA PHE C 168 8.84 18.75 -1.03
C PHE C 168 9.79 19.72 -1.76
N SER C 169 9.97 19.56 -3.06
CA SER C 169 10.87 20.44 -3.79
C SER C 169 10.48 21.94 -3.68
N GLN C 170 9.26 22.24 -3.27
CA GLN C 170 8.76 23.64 -3.02
C GLN C 170 9.27 24.15 -1.73
N LEU C 171 9.85 23.30 -0.87
CA LEU C 171 10.19 23.68 0.49
C LEU C 171 11.66 24.04 0.63
N PRO C 172 11.99 25.29 1.02
CA PRO C 172 13.41 25.59 0.96
C PRO C 172 14.33 24.92 1.92
N ASN C 173 13.79 24.46 3.09
CA ASN C 173 14.59 23.62 3.92
C ASN C 173 14.81 22.11 3.44
N PHE C 174 14.14 21.73 2.37
CA PHE C 174 14.24 20.37 1.78
C PHE C 174 15.42 20.40 0.80
N SER C 175 16.43 19.54 1.01
CA SER C 175 17.60 19.49 0.08
C SER C 175 18.19 20.88 -0.16
N ASN C 176 18.50 21.49 0.96
CA ASN C 176 18.82 22.94 0.96
C ASN C 176 20.08 23.29 0.20
N THR C 177 20.98 22.32 0.01
CA THR C 177 22.23 22.63 -0.75
C THR C 177 21.90 23.00 -2.20
N ASP C 178 20.78 22.53 -2.81
CA ASP C 178 20.31 23.01 -4.14
C ASP C 178 20.22 24.54 -4.14
N LEU C 179 19.63 25.09 -3.09
CA LEU C 179 19.44 26.55 -3.00
C LEU C 179 20.80 27.25 -2.78
N ASP C 180 21.68 26.63 -2.00
CA ASP C 180 23.03 27.17 -1.82
C ASP C 180 23.85 27.24 -3.07
N ILE C 181 23.63 26.34 -4.05
CA ILE C 181 24.34 26.44 -5.33
C ILE C 181 23.60 27.22 -6.42
N GLY C 182 22.48 27.85 -6.10
CA GLY C 182 21.80 28.69 -7.09
C GLY C 182 20.44 28.31 -7.61
N LEU C 183 19.93 27.15 -7.21
CA LEU C 183 18.62 26.78 -7.77
C LEU C 183 17.57 27.41 -6.82
N ASN C 184 16.39 27.70 -7.37
CA ASN C 184 15.27 28.16 -6.56
C ASN C 184 14.37 26.95 -6.22
N PRO C 185 13.54 27.10 -5.18
CA PRO C 185 12.50 26.11 -4.91
C PRO C 185 11.64 25.91 -6.14
N TYR C 186 11.02 24.74 -6.23
CA TYR C 186 10.12 24.49 -7.37
C TYR C 186 8.89 25.42 -7.28
N ASN C 187 8.58 26.13 -8.36
CA ASN C 187 7.39 26.99 -8.47
C ASN C 187 6.09 26.31 -8.12
N SER C 188 5.20 27.05 -7.47
CA SER C 188 3.87 26.50 -7.08
C SER C 188 2.94 26.64 -8.28
N GLY C 189 1.81 25.95 -8.27
CA GLY C 189 0.84 26.13 -9.38
C GLY C 189 0.98 25.10 -10.51
N SER C 190 1.92 24.20 -10.39
CA SER C 190 1.99 23.21 -11.48
C SER C 190 1.03 21.97 -11.24
N PHE C 191 0.62 21.21 -12.27
CA PHE C 191 -0.29 20.07 -12.06
C PHE C 191 0.52 18.76 -11.94
N ILE C 192 -0.10 17.71 -11.34
CA ILE C 192 0.47 16.39 -11.48
C ILE C 192 -0.62 15.59 -12.20
N ALA C 193 -0.22 14.71 -13.12
CA ALA C 193 -1.24 13.84 -13.75
C ALA C 193 -0.64 12.45 -13.65
N LEU C 194 -1.41 11.47 -13.15
CA LEU C 194 -0.89 10.12 -12.96
C LEU C 194 -1.44 9.25 -14.10
N TYR C 195 -0.54 8.59 -14.78
CA TYR C 195 -0.89 7.59 -15.77
C TYR C 195 -0.76 6.22 -15.17
N TYR C 196 -1.03 5.20 -15.99
CA TYR C 196 -1.19 3.79 -15.49
C TYR C 196 -2.14 3.76 -14.28
N THR C 197 -3.34 4.32 -14.47
CA THR C 197 -4.27 4.48 -13.39
C THR C 197 -5.52 3.63 -13.62
N HIS C 198 -6.08 3.10 -12.53
CA HIS C 198 -7.38 2.39 -12.56
C HIS C 198 -8.52 3.35 -12.34
N LYS C 199 -8.21 4.62 -11.92
CA LYS C 199 -9.27 5.55 -11.61
C LYS C 199 -9.03 6.84 -12.38
N PRO C 200 -8.95 6.76 -13.73
CA PRO C 200 -8.73 8.01 -14.50
C PRO C 200 -9.92 8.93 -14.44
N ASN C 201 -9.68 10.24 -14.38
CA ASN C 201 -10.75 11.16 -14.53
C ASN C 201 -10.51 12.20 -15.69
N TYR C 202 -9.45 11.98 -16.43
CA TYR C 202 -9.23 12.79 -17.62
C TYR C 202 -8.74 11.83 -18.69
N ILE C 203 -9.42 11.77 -19.84
CA ILE C 203 -8.99 10.84 -20.93
C ILE C 203 -8.57 11.65 -22.16
N VAL C 204 -7.45 11.26 -22.76
CA VAL C 204 -6.97 11.88 -24.02
C VAL C 204 -7.35 10.88 -25.08
N ASP C 205 -8.07 11.35 -26.11
CA ASP C 205 -8.36 10.48 -27.24
C ASP C 205 -7.09 10.33 -28.10
N ILE C 206 -6.62 9.08 -28.30
CA ILE C 206 -5.44 8.77 -29.05
C ILE C 206 -5.73 7.88 -30.26
N THR C 207 -7.01 7.82 -30.62
CA THR C 207 -7.42 7.01 -31.76
C THR C 207 -6.59 7.23 -33.01
N ASP C 208 -6.39 8.43 -33.49
N ASP C 208 -6.41 8.48 -33.40
CA ASP C 208 -5.57 8.46 -34.73
CA ASP C 208 -5.61 8.80 -34.59
C ASP C 208 -4.08 8.40 -34.52
C ASP C 208 -4.11 8.91 -34.35
N LEU C 209 -3.65 8.31 -33.25
CA LEU C 209 -2.24 8.33 -32.87
C LEU C 209 -1.84 6.91 -32.44
N MET C 210 -2.83 6.00 -32.42
CA MET C 210 -2.52 4.67 -31.92
C MET C 210 -1.45 3.92 -32.72
N GLU C 211 -1.49 4.00 -34.05
CA GLU C 211 -0.48 3.32 -34.82
C GLU C 211 0.92 3.91 -34.60
N LEU C 212 1.03 5.24 -34.48
CA LEU C 212 2.28 5.85 -34.16
C LEU C 212 2.75 5.40 -32.72
N LYS C 213 1.84 5.42 -31.76
CA LYS C 213 2.19 4.98 -30.39
C LYS C 213 2.71 3.52 -30.39
N LEU C 214 2.03 2.62 -31.12
CA LEU C 214 2.55 1.24 -31.19
C LEU C 214 3.91 1.12 -31.86
N LYS C 215 4.13 1.91 -32.92
CA LYS C 215 5.41 1.96 -33.57
C LYS C 215 6.49 2.42 -32.59
N ALA C 216 6.16 3.49 -31.82
CA ALA C 216 7.15 4.09 -30.91
C ALA C 216 7.43 3.14 -29.69
N ILE C 217 6.46 2.30 -29.39
CA ILE C 217 6.65 1.19 -28.36
C ILE C 217 7.55 0.09 -28.98
N ARG C 218 7.25 -0.30 -30.22
CA ARG C 218 8.06 -1.38 -30.84
C ARG C 218 9.52 -1.04 -31.07
N VAL C 219 9.86 0.25 -31.16
CA VAL C 219 11.25 0.67 -31.27
C VAL C 219 12.09 0.15 -30.07
N HIS C 220 11.42 -0.16 -28.94
CA HIS C 220 12.09 -0.78 -27.76
C HIS C 220 12.18 -2.28 -28.08
N ARG C 221 12.99 -2.63 -29.08
CA ARG C 221 12.94 -4.00 -29.67
C ARG C 221 13.38 -5.04 -28.67
N SER C 222 14.33 -4.67 -27.81
CA SER C 222 14.87 -5.61 -26.79
C SER C 222 13.73 -6.10 -25.91
N GLN C 223 12.66 -5.31 -25.75
CA GLN C 223 11.53 -5.67 -24.90
C GLN C 223 10.42 -6.40 -25.64
N PHE C 224 10.33 -6.18 -26.98
CA PHE C 224 9.13 -6.54 -27.71
C PHE C 224 9.44 -7.35 -28.96
N PRO C 225 10.19 -8.45 -28.79
CA PRO C 225 10.38 -9.28 -30.01
C PRO C 225 9.02 -9.84 -30.41
N ASP C 226 8.96 -10.52 -31.56
CA ASP C 226 7.66 -10.97 -32.07
C ASP C 226 6.82 -11.82 -31.11
N ASP C 227 7.43 -12.75 -30.38
CA ASP C 227 6.65 -13.65 -29.53
C ASP C 227 6.03 -12.94 -28.35
N ILE C 228 6.72 -11.95 -27.84
CA ILE C 228 6.19 -11.15 -26.73
C ILE C 228 5.07 -10.17 -27.26
N TRP C 229 5.32 -9.62 -28.44
CA TRP C 229 4.39 -8.69 -29.08
C TRP C 229 3.04 -9.38 -29.36
N GLU C 230 3.08 -10.68 -29.65
CA GLU C 230 1.80 -11.41 -29.82
C GLU C 230 0.82 -11.28 -28.64
N LYS C 231 1.32 -11.11 -27.43
CA LYS C 231 0.48 -10.96 -26.27
C LYS C 231 0.31 -9.47 -25.92
N TRP C 232 1.39 -8.70 -26.10
CA TRP C 232 1.41 -7.29 -25.72
C TRP C 232 0.63 -6.40 -26.65
N GLU C 233 0.68 -6.62 -27.96
CA GLU C 233 -0.17 -5.78 -28.81
C GLU C 233 -1.66 -5.81 -28.42
N PRO C 234 -2.29 -7.02 -28.22
CA PRO C 234 -3.70 -7.06 -27.88
C PRO C 234 -3.90 -6.44 -26.47
N PHE C 235 -2.92 -6.64 -25.60
CA PHE C 235 -2.97 -6.11 -24.22
C PHE C 235 -3.04 -4.59 -24.24
N LEU C 236 -2.11 -4.02 -24.99
CA LEU C 236 -2.02 -2.53 -25.10
C LEU C 236 -3.24 -1.95 -25.81
N ARG C 237 -3.72 -2.66 -26.85
CA ARG C 237 -5.00 -2.19 -27.45
C ARG C 237 -6.17 -2.29 -26.51
N THR C 238 -6.25 -3.37 -25.69
CA THR C 238 -7.39 -3.53 -24.81
C THR C 238 -7.34 -2.45 -23.73
N ILE C 239 -6.14 -2.18 -23.23
CA ILE C 239 -5.99 -1.04 -22.26
C ILE C 239 -6.49 0.29 -22.88
N ALA C 240 -6.04 0.54 -24.09
CA ALA C 240 -6.45 1.84 -24.72
C ALA C 240 -7.96 1.94 -24.96
N MET C 241 -8.60 0.78 -25.19
CA MET C 241 -10.06 0.79 -25.39
C MET C 241 -10.72 0.98 -24.10
N PHE C 242 -10.12 0.44 -23.04
CA PHE C 242 -10.69 0.62 -21.72
C PHE C 242 -10.79 2.12 -21.38
N TYR C 243 -9.73 2.88 -21.71
CA TYR C 243 -9.75 4.29 -21.34
C TYR C 243 -10.64 5.06 -22.36
N GLY C 244 -10.49 4.70 -23.63
CA GLY C 244 -11.26 5.40 -24.70
C GLY C 244 -12.76 5.26 -24.50
N GLU C 245 -13.21 4.05 -24.18
CA GLU C 245 -14.64 3.84 -23.91
C GLU C 245 -15.28 4.85 -22.92
N LYS C 246 -14.50 5.33 -21.94
CA LYS C 246 -14.99 6.25 -20.91
C LYS C 246 -15.45 7.63 -21.42
N ILE C 247 -14.97 7.99 -22.59
CA ILE C 247 -15.37 9.26 -23.23
C ILE C 247 -15.96 8.94 -24.63
N GLY C 248 -16.16 7.65 -24.97
CA GLY C 248 -16.82 7.33 -26.23
C GLY C 248 -15.97 7.45 -27.49
N VAL C 249 -14.69 7.11 -27.35
CA VAL C 249 -13.79 7.03 -28.49
C VAL C 249 -13.15 5.64 -28.43
N ARG C 250 -12.44 5.29 -29.52
CA ARG C 250 -11.97 3.95 -29.73
C ARG C 250 -10.74 3.69 -28.81
N TYR C 251 -9.72 4.55 -28.87
CA TYR C 251 -8.50 4.40 -28.03
C TYR C 251 -8.24 5.65 -27.21
N GLY C 252 -7.95 5.47 -25.90
CA GLY C 252 -7.71 6.60 -25.00
C GLY C 252 -6.48 6.33 -24.14
N GLU C 253 -5.94 7.42 -23.61
CA GLU C 253 -4.94 7.34 -22.52
C GLU C 253 -5.58 8.04 -21.33
N GLY C 254 -5.54 7.34 -20.17
CA GLY C 254 -6.21 7.84 -18.97
C GLY C 254 -5.19 8.46 -17.98
N PHE C 255 -5.65 9.53 -17.33
CA PHE C 255 -4.88 10.18 -16.26
C PHE C 255 -5.73 10.45 -15.10
N ARG C 256 -5.12 10.40 -13.90
CA ARG C 256 -5.88 10.88 -12.73
C ARG C 256 -5.21 12.19 -12.29
N ILE C 257 -6.10 13.20 -12.13
CA ILE C 257 -5.72 14.54 -11.72
C ILE C 257 -6.63 14.96 -10.56
N MET C 258 -6.06 15.55 -9.49
CA MET C 258 -6.78 16.02 -8.33
C MET C 258 -6.24 17.32 -7.86
N PRO C 259 -7.04 18.09 -7.08
CA PRO C 259 -6.49 19.26 -6.42
C PRO C 259 -5.35 18.79 -5.51
N GLY C 260 -4.35 19.65 -5.38
CA GLY C 260 -3.26 19.32 -4.47
C GLY C 260 -3.68 18.88 -3.06
N LEU C 261 -4.68 19.57 -2.50
CA LEU C 261 -5.09 19.22 -1.08
C LEU C 261 -5.58 17.80 -1.00
N PHE C 262 -6.07 17.25 -2.11
CA PHE C 262 -6.67 15.90 -2.05
C PHE C 262 -5.63 14.78 -1.89
N TYR C 263 -4.36 15.07 -2.10
CA TYR C 263 -3.28 14.12 -1.85
C TYR C 263 -2.93 13.98 -0.38
N HIS C 264 -3.75 14.54 0.47
CA HIS C 264 -3.45 14.48 1.91
C HIS C 264 -4.65 14.63 2.78
N ILE C 265 -4.80 13.64 3.74
CA ILE C 265 -5.88 13.62 4.76
C ILE C 265 -7.32 13.69 4.19
N THR C 266 -7.52 13.34 2.92
CA THR C 266 -8.82 13.64 2.33
C THR C 266 -9.64 12.30 2.24
N PRO C 267 -10.87 12.30 2.83
CA PRO C 267 -11.58 11.05 2.94
C PRO C 267 -12.61 10.86 1.79
N PHE C 268 -12.67 11.82 0.83
CA PHE C 268 -13.67 11.75 -0.23
C PHE C 268 -13.00 11.86 -1.61
N THR C 269 -11.80 11.30 -1.74
CA THR C 269 -11.07 11.36 -3.02
C THR C 269 -11.80 10.58 -4.09
N ASP C 270 -12.62 9.61 -3.69
CA ASP C 270 -13.42 8.87 -4.69
C ASP C 270 -14.55 9.65 -5.35
N LEU C 271 -14.80 10.87 -4.94
CA LEU C 271 -15.85 11.67 -5.59
C LEU C 271 -15.33 12.36 -6.82
N ILE C 272 -14.03 12.23 -7.08
CA ILE C 272 -13.55 12.79 -8.38
C ILE C 272 -12.78 11.68 -9.09
ZN ZN D . 1.61 -15.16 10.10
C1 GOL E . 4.73 -15.35 15.31
O1 GOL E . 4.93 -14.57 16.46
C2 GOL E . 3.38 -14.87 14.83
O2 GOL E . 2.87 -16.13 14.14
C3 GOL E . 3.60 -13.47 14.09
O3 GOL E . 4.41 -12.22 14.64
C ACY F . 0.15 -15.95 11.89
O ACY F . 1.15 -16.74 12.01
OXT ACY F . 0.32 -14.80 11.43
CH3 ACY F . -1.27 -16.34 12.33
ZN ZN G . 0.87 15.81 9.13
C1 GOL H . 4.35 18.12 6.64
O1 GOL H . 5.74 17.78 6.05
C2 GOL H . 4.03 19.29 7.62
O2 GOL H . 3.01 19.41 8.72
C3 GOL H . 5.17 19.18 8.56
O3 GOL H . 5.84 20.28 8.22
C1 GOL I . 10.59 1.01 2.86
C1 GOL I . 10.33 -0.30 2.54
C1 GOL I . 10.77 0.53 2.91
O1 GOL I . 11.45 0.07 3.55
O1 GOL I . 11.44 0.63 2.62
O1 GOL I . 11.42 -0.31 1.94
C2 GOL I . 9.35 0.25 2.38
C2 GOL I . 9.00 0.42 2.34
C2 GOL I . 9.24 0.52 2.81
O2 GOL I . 9.09 -0.75 3.36
O2 GOL I . 7.89 -0.52 2.29
O2 GOL I . 8.80 1.90 3.04
C3 GOL I . 9.71 -0.39 1.05
C3 GOL I . 8.74 1.49 3.44
C3 GOL I . 8.68 -0.24 4.02
O3 GOL I . 8.93 0.03 -0.08
O3 GOL I . 7.90 2.56 2.94
O3 GOL I . 8.06 -1.50 3.67
C ACY J . -0.10 18.02 8.48
O ACY J . 0.67 18.20 9.52
OXT ACY J . 0.04 16.96 7.79
CH3 ACY J . -1.16 19.05 8.03
NA NA K . -6.29 0.65 31.97
O1 HEZ L . 0.65 17.02 -5.15
C1 HEZ L . 1.07 18.17 -4.39
C2 HEZ L . 1.59 17.78 -3.03
C3 HEZ L . 0.96 16.51 -2.50
C4 HEZ L . 1.89 15.70 -1.59
C5 HEZ L . 1.30 15.56 -0.21
C6 HEZ L . 2.37 15.55 0.87
O6 HEZ L . 1.70 16.26 1.93
O1 HEZ M . -0.83 -8.71 13.47
C1 HEZ M . -0.64 -7.37 13.95
C2 HEZ M . -2.01 -7.07 14.53
C3 HEZ M . -2.23 -5.62 14.92
C4 HEZ M . -3.07 -5.61 16.19
C5 HEZ M . -3.43 -4.24 16.71
C6 HEZ M . -4.94 -4.31 16.88
O6 HEZ M . -5.40 -3.74 18.12
ZN ZN N . 8.25 -0.20 -16.30
C ACY O . 7.81 -1.69 -18.24
O ACY O . 8.88 -1.07 -18.48
OXT ACY O . 7.46 -1.77 -17.02
CH3 ACY O . 6.96 -2.35 -19.33
C1 GOL P . 11.35 -3.85 -15.59
O1 GOL P . 12.03 -4.75 -14.54
C2 GOL P . 11.65 -3.78 -17.16
O2 GOL P . 11.06 -2.73 -18.06
C3 GOL P . 13.13 -3.64 -17.42
O3 GOL P . 13.68 -4.91 -17.08
NA NA Q . 5.84 27.91 -15.95
O1 HEZ R . 15.92 11.80 -28.74
C1 HEZ R . 15.95 12.37 -27.39
C2 HEZ R . 17.44 12.58 -27.24
C3 HEZ R . 17.89 12.47 -25.77
C4 HEZ R . 19.39 12.48 -25.84
C5 HEZ R . 19.89 13.69 -25.09
C6 HEZ R . 19.62 13.44 -23.61
O6 HEZ R . 18.98 14.60 -23.15
O1 HEZ S . -1.30 23.55 -24.53
C1 HEZ S . -2.21 22.42 -24.45
C2 HEZ S . -1.43 21.12 -24.58
C3 HEZ S . -2.22 20.15 -25.48
C4 HEZ S . -3.12 19.27 -24.65
C5 HEZ S . -2.78 17.83 -24.99
C6 HEZ S . -3.96 16.92 -24.66
O6 HEZ S . -5.05 17.14 -25.57
#